data_2J4B
#
_entry.id   2J4B
#
_cell.length_a   91.520
_cell.length_b   91.520
_cell.length_c   297.000
_cell.angle_alpha   90.00
_cell.angle_beta   90.00
_cell.angle_gamma   120.00
#
_symmetry.space_group_name_H-M   'P 61 2 2'
#
loop_
_entity.id
_entity.type
_entity.pdbx_description
1 polymer 'TRANSCRIPTION INITIATION FACTOR TFIID SUBUNIT 72/90-100 KDA'
2 water water
#
_entity_poly.entity_id   1
_entity_poly.type   'polypeptide(L)'
_entity_poly.pdbx_seq_one_letter_code
;GSHMKDQMETSYVSLKTWIEDSLDLFKNDLLPLLYPLFIHIYFDLIQQNKTDEAKEFFEKYRGDHYNKSEEIKQFESIYT
VQHIHENNFAYTFKNSKYHLSMGRYAFDLLINFLEERNLTYILKILNQHLDIKVYVGP
;
_entity_poly.pdbx_strand_id   A,B,C,D,E
#
# COMPACT_ATOMS: atom_id res chain seq x y z
N GLN A 7 -1.66 21.01 -1.83
CA GLN A 7 -2.07 21.73 -0.58
C GLN A 7 -2.75 20.82 0.45
N MET A 8 -2.49 21.11 1.72
CA MET A 8 -2.88 20.26 2.84
C MET A 8 -4.37 20.04 2.97
N GLU A 9 -5.15 21.13 2.97
CA GLU A 9 -6.59 21.05 3.17
C GLU A 9 -7.33 20.34 2.02
N THR A 10 -6.95 20.65 0.78
CA THR A 10 -7.53 19.99 -0.37
C THR A 10 -7.31 18.48 -0.30
N SER A 11 -6.11 18.07 0.13
CA SER A 11 -5.73 16.66 0.17
C SER A 11 -6.49 15.92 1.26
N TYR A 12 -6.70 16.60 2.38
CA TYR A 12 -7.49 16.05 3.47
C TYR A 12 -8.92 15.74 3.02
N VAL A 13 -9.58 16.73 2.45
CA VAL A 13 -10.93 16.56 1.88
C VAL A 13 -11.02 15.45 0.85
N SER A 14 -10.10 15.43 -0.11
CA SER A 14 -10.12 14.45 -1.20
C SER A 14 -9.93 13.02 -0.67
N LEU A 15 -9.08 12.88 0.36
CA LEU A 15 -8.97 11.63 1.11
C LEU A 15 -10.27 11.33 1.87
N LYS A 16 -10.75 12.29 2.62
CA LYS A 16 -12.01 12.14 3.34
C LYS A 16 -13.15 11.66 2.42
N THR A 17 -13.26 12.25 1.24
CA THR A 17 -14.33 11.92 0.32
C THR A 17 -14.18 10.51 -0.26
N TRP A 18 -12.94 10.08 -0.43
CA TRP A 18 -12.65 8.75 -0.94
C TRP A 18 -13.00 7.71 0.11
N ILE A 19 -12.55 7.92 1.33
CA ILE A 19 -12.87 7.03 2.46
C ILE A 19 -14.37 6.83 2.64
N GLU A 20 -15.09 7.94 2.78
CA GLU A 20 -16.51 7.89 3.04
C GLU A 20 -17.28 7.11 1.95
N ASP A 21 -16.65 6.97 0.79
CA ASP A 21 -17.20 6.21 -0.33
C ASP A 21 -16.75 4.75 -0.39
N SER A 22 -15.67 4.39 0.30
CA SER A 22 -15.21 3.01 0.30
C SER A 22 -16.27 2.08 0.91
N LEU A 23 -16.08 0.77 0.70
CA LEU A 23 -16.91 -0.24 1.35
C LEU A 23 -16.81 -0.20 2.87
N ASP A 24 -17.94 -0.42 3.54
CA ASP A 24 -18.01 -0.31 5.00
C ASP A 24 -16.99 -1.22 5.69
N LEU A 25 -16.63 -2.31 5.01
CA LEU A 25 -15.62 -3.25 5.49
C LEU A 25 -14.26 -2.61 5.71
N PHE A 26 -13.96 -1.58 4.93
CA PHE A 26 -12.67 -0.90 5.03
C PHE A 26 -12.77 0.43 5.77
N LYS A 27 -13.96 1.04 5.77
CA LYS A 27 -14.14 2.35 6.37
C LYS A 27 -13.66 2.41 7.83
N ASN A 28 -13.86 1.30 8.52
CA ASN A 28 -13.47 1.10 9.92
C ASN A 28 -11.98 1.31 10.11
N ASP A 29 -11.18 0.73 9.22
CA ASP A 29 -9.74 0.83 9.30
C ASP A 29 -9.21 2.12 8.73
N LEU A 30 -10.00 2.80 7.91
CA LEU A 30 -9.59 4.02 7.25
C LEU A 30 -9.96 5.29 8.02
N LEU A 31 -11.07 5.29 8.75
CA LEU A 31 -11.51 6.53 9.39
C LEU A 31 -10.52 7.05 10.46
N PRO A 32 -9.91 6.15 11.24
CA PRO A 32 -8.94 6.59 12.26
C PRO A 32 -7.82 7.44 11.68
N LEU A 33 -7.55 7.28 10.39
CA LEU A 33 -6.50 8.01 9.71
C LEU A 33 -6.76 9.52 9.66
N LEU A 34 -8.01 9.94 9.62
CA LEU A 34 -8.28 11.38 9.47
C LEU A 34 -7.95 12.22 10.71
N TYR A 35 -7.96 11.61 11.90
CA TYR A 35 -7.74 12.39 13.14
C TYR A 35 -6.32 12.91 13.30
N PRO A 36 -5.32 12.01 13.28
CA PRO A 36 -3.92 12.45 13.30
C PRO A 36 -3.55 13.30 12.11
N LEU A 37 -4.04 12.98 10.92
CA LEU A 37 -3.79 13.82 9.77
C LEU A 37 -4.34 15.24 9.97
N PHE A 38 -5.56 15.31 10.50
CA PHE A 38 -6.24 16.57 10.83
C PHE A 38 -5.44 17.48 11.78
N ILE A 39 -5.02 16.93 12.90
CA ILE A 39 -4.23 17.68 13.87
C ILE A 39 -2.95 18.12 13.18
N HIS A 40 -2.34 17.20 12.44
CA HIS A 40 -1.07 17.50 11.81
C HIS A 40 -1.17 18.65 10.81
N ILE A 41 -2.26 18.72 10.07
CA ILE A 41 -2.51 19.86 9.18
C ILE A 41 -2.67 21.18 9.96
N TYR A 42 -3.45 21.11 11.04
CA TYR A 42 -3.62 22.23 11.95
C TYR A 42 -2.31 22.74 12.51
N PHE A 43 -1.48 21.84 13.03
CA PHE A 43 -0.17 22.22 13.56
C PHE A 43 0.74 22.77 12.46
N ASP A 44 0.59 22.25 11.24
CA ASP A 44 1.44 22.70 10.13
C ASP A 44 1.07 24.10 9.61
N LEU A 45 -0.22 24.43 9.61
CA LEU A 45 -0.67 25.78 9.28
C LEU A 45 -0.22 26.81 10.32
N ILE A 46 -0.19 26.38 11.58
CA ILE A 46 0.30 27.21 12.68
C ILE A 46 1.80 27.50 12.55
N GLN A 47 2.57 26.47 12.24
CA GLN A 47 3.99 26.60 12.09
C GLN A 47 4.34 27.53 10.94
N GLN A 48 3.56 27.47 9.86
CA GLN A 48 3.69 28.44 8.76
C GLN A 48 3.17 29.83 9.14
N ASN A 49 2.64 29.98 10.35
CA ASN A 49 2.08 31.24 10.84
C ASN A 49 0.81 31.69 10.10
N LYS A 50 -0.04 30.73 9.76
CA LYS A 50 -1.33 31.02 9.13
C LYS A 50 -2.40 30.70 10.16
N THR A 51 -2.40 31.48 11.24
CA THR A 51 -3.27 31.26 12.39
C THR A 51 -4.73 31.30 11.96
N ASP A 52 -5.06 32.21 11.06
CA ASP A 52 -6.42 32.33 10.58
C ASP A 52 -6.85 31.06 9.86
N GLU A 53 -6.07 30.69 8.83
CA GLU A 53 -6.40 29.55 8.03
C GLU A 53 -6.51 28.32 8.91
N ALA A 54 -5.65 28.24 9.92
CA ALA A 54 -5.60 27.11 10.84
C ALA A 54 -6.90 27.00 11.62
N LYS A 55 -7.39 28.11 12.14
CA LYS A 55 -8.61 28.10 12.93
C LYS A 55 -9.85 27.75 12.10
N GLU A 56 -9.89 28.21 10.86
CA GLU A 56 -10.98 27.86 9.94
C GLU A 56 -11.00 26.36 9.62
N PHE A 57 -9.84 25.77 9.38
CA PHE A 57 -9.74 24.37 9.02
C PHE A 57 -10.16 23.48 10.20
N PHE A 58 -9.62 23.81 11.36
CA PHE A 58 -9.94 23.12 12.59
C PHE A 58 -11.46 23.13 12.83
N GLU A 59 -12.04 24.31 12.86
CA GLU A 59 -13.47 24.46 13.14
C GLU A 59 -14.33 23.72 12.13
N LYS A 60 -13.89 23.67 10.87
CA LYS A 60 -14.70 23.09 9.81
C LYS A 60 -14.80 21.58 9.96
N TYR A 61 -13.68 20.91 10.17
CA TYR A 61 -13.64 19.46 10.19
C TYR A 61 -13.50 18.83 11.59
N ARG A 62 -13.60 19.64 12.65
CA ARG A 62 -13.48 19.09 14.02
C ARG A 62 -14.62 18.15 14.42
N GLY A 63 -15.77 18.25 13.76
CA GLY A 63 -16.92 17.39 14.04
C GLY A 63 -16.93 16.12 13.21
N ASP A 64 -15.85 15.91 12.45
CA ASP A 64 -15.73 14.70 11.64
C ASP A 64 -15.11 13.57 12.46
N HIS A 65 -14.67 13.91 13.67
CA HIS A 65 -14.11 12.95 14.60
C HIS A 65 -13.98 13.62 15.97
N LYS A 68 -13.50 11.56 20.14
CA LYS A 68 -12.29 12.37 20.34
C LYS A 68 -12.54 13.82 20.80
N SER A 69 -13.78 14.19 21.12
CA SER A 69 -14.10 15.59 21.37
C SER A 69 -13.29 16.20 22.54
N GLU A 70 -12.98 15.37 23.53
CA GLU A 70 -12.20 15.77 24.71
C GLU A 70 -10.87 16.36 24.27
N GLU A 71 -10.19 15.66 23.36
CA GLU A 71 -8.85 16.04 22.91
C GLU A 71 -8.91 17.22 21.95
N ILE A 72 -9.93 17.21 21.09
CA ILE A 72 -10.20 18.34 20.20
C ILE A 72 -10.25 19.66 20.99
N LYS A 73 -11.00 19.67 22.09
CA LYS A 73 -11.14 20.90 22.88
C LYS A 73 -9.85 21.29 23.61
N GLN A 74 -8.94 20.34 23.83
CA GLN A 74 -7.61 20.70 24.30
C GLN A 74 -6.85 21.48 23.22
N PHE A 75 -6.96 21.06 21.98
CA PHE A 75 -6.26 21.72 20.87
C PHE A 75 -6.91 23.03 20.44
N GLU A 76 -8.22 23.15 20.63
CA GLU A 76 -8.94 24.39 20.32
C GLU A 76 -8.21 25.66 20.78
N SER A 77 -7.58 25.60 21.96
CA SER A 77 -6.92 26.77 22.55
C SER A 77 -5.47 26.94 22.08
N ILE A 78 -5.00 26.06 21.20
CA ILE A 78 -3.65 26.12 20.68
C ILE A 78 -3.60 26.80 19.30
N TYR A 79 -3.23 28.09 19.28
CA TYR A 79 -3.23 28.88 18.03
C TYR A 79 -1.82 29.17 17.49
N THR A 80 -0.84 29.31 18.37
CA THR A 80 0.48 29.73 17.94
C THR A 80 1.52 28.66 18.16
N VAL A 81 2.72 28.89 17.62
CA VAL A 81 3.84 27.99 17.79
C VAL A 81 4.25 27.88 19.24
N GLN A 82 4.21 29.00 19.97
CA GLN A 82 4.51 28.98 21.40
C GLN A 82 3.53 28.07 22.16
N HIS A 83 2.27 28.05 21.75
CA HIS A 83 1.25 27.25 22.43
C HIS A 83 1.51 25.76 22.25
N ILE A 84 2.12 25.40 21.13
CA ILE A 84 2.48 24.00 20.90
C ILE A 84 3.63 23.61 21.80
N HIS A 85 4.59 24.52 21.96
CA HIS A 85 5.75 24.29 22.81
C HIS A 85 5.41 24.17 24.32
N GLU A 86 4.40 24.89 24.77
CA GLU A 86 4.13 24.98 26.20
C GLU A 86 3.08 23.96 26.69
N ASN A 87 2.36 23.36 25.76
CA ASN A 87 1.38 22.33 26.06
C ASN A 87 1.89 20.97 25.58
N ASN A 88 2.17 20.08 26.53
CA ASN A 88 2.89 18.85 26.22
C ASN A 88 2.04 17.85 25.48
N PHE A 89 0.73 17.92 25.64
CA PHE A 89 -0.13 17.07 24.84
C PHE A 89 0.00 17.49 23.36
N ALA A 90 0.21 18.78 23.10
CA ALA A 90 0.41 19.26 21.72
C ALA A 90 1.82 18.97 21.19
N TYR A 91 2.82 19.15 22.06
CA TYR A 91 4.21 18.91 21.69
C TYR A 91 4.44 17.44 21.44
N THR A 92 3.96 16.61 22.36
CA THR A 92 4.10 15.17 22.23
C THR A 92 3.45 14.68 20.96
N PHE A 93 2.28 15.22 20.63
CA PHE A 93 1.59 14.82 19.43
C PHE A 93 2.39 15.18 18.18
N LYS A 94 3.03 16.35 18.19
CA LYS A 94 3.75 16.83 17.03
C LYS A 94 5.05 16.05 16.78
N ASN A 95 5.67 15.59 17.86
CA ASN A 95 7.01 15.02 17.79
C ASN A 95 7.08 13.50 17.97
N SER A 96 5.93 12.87 18.23
CA SER A 96 5.89 11.42 18.45
C SER A 96 5.00 10.71 17.45
N LYS A 97 5.08 9.39 17.44
CA LYS A 97 4.33 8.62 16.48
C LYS A 97 2.95 8.24 16.95
N TYR A 98 1.96 8.49 16.09
CA TYR A 98 0.58 8.09 16.33
C TYR A 98 0.36 6.72 15.69
N HIS A 99 -0.17 5.80 16.49
CA HIS A 99 -0.33 4.41 16.14
C HIS A 99 -1.73 4.11 15.60
N LEU A 100 -1.78 3.39 14.48
CA LEU A 100 -3.03 2.93 13.88
C LEU A 100 -2.88 1.44 13.55
N SER A 101 -3.99 0.73 13.44
CA SER A 101 -3.96 -0.65 12.97
C SER A 101 -4.88 -0.75 11.77
N MET A 102 -4.44 -1.50 10.77
CA MET A 102 -5.17 -1.66 9.50
C MET A 102 -5.06 -3.08 8.98
N GLY A 103 -6.10 -3.55 8.30
CA GLY A 103 -6.03 -4.81 7.57
C GLY A 103 -5.18 -4.60 6.33
N ARG A 104 -4.68 -5.68 5.76
CA ARG A 104 -3.80 -5.62 4.60
C ARG A 104 -4.48 -5.00 3.38
N TYR A 105 -5.78 -5.26 3.20
CA TYR A 105 -6.49 -4.73 2.04
C TYR A 105 -6.75 -3.21 2.13
N ALA A 106 -7.34 -2.75 3.23
CA ALA A 106 -7.54 -1.31 3.48
C ALA A 106 -6.25 -0.54 3.30
N PHE A 107 -5.17 -1.05 3.90
CA PHE A 107 -3.85 -0.49 3.71
C PHE A 107 -3.53 -0.36 2.22
N ASP A 108 -3.62 -1.46 1.49
CA ASP A 108 -3.25 -1.46 0.08
C ASP A 108 -4.10 -0.46 -0.73
N LEU A 109 -5.42 -0.52 -0.57
CA LEU A 109 -6.29 0.47 -1.19
C LEU A 109 -5.83 1.89 -0.84
N LEU A 110 -5.49 2.12 0.42
CA LEU A 110 -5.12 3.46 0.92
C LEU A 110 -3.87 4.02 0.27
N ILE A 111 -2.86 3.19 0.07
CA ILE A 111 -1.57 3.66 -0.46
C ILE A 111 -1.65 3.82 -1.98
N ASN A 112 -2.37 2.90 -2.61
CA ASN A 112 -2.69 3.01 -4.04
C ASN A 112 -3.37 4.35 -4.29
N PHE A 113 -4.35 4.69 -3.47
CA PHE A 113 -5.07 5.96 -3.64
C PHE A 113 -4.15 7.18 -3.49
N LEU A 114 -3.33 7.20 -2.44
CA LEU A 114 -2.40 8.31 -2.21
C LEU A 114 -1.32 8.43 -3.30
N GLU A 115 -0.79 7.30 -3.73
CA GLU A 115 0.21 7.27 -4.83
C GLU A 115 -0.36 7.61 -6.20
N GLU A 116 -1.59 7.17 -6.46
CA GLU A 116 -2.21 7.42 -7.75
C GLU A 116 -2.60 8.88 -7.91
N ARG A 117 -2.82 9.56 -6.78
CA ARG A 117 -3.22 10.95 -6.78
C ARG A 117 -2.10 11.86 -6.33
N ASN A 118 -0.89 11.32 -6.24
CA ASN A 118 0.24 12.10 -5.79
C ASN A 118 -0.11 13.00 -4.59
N LEU A 119 -0.65 12.39 -3.53
CA LEU A 119 -0.95 13.12 -2.30
C LEU A 119 0.31 13.09 -1.45
N THR A 120 1.32 13.76 -1.97
CA THR A 120 2.69 13.70 -1.49
C THR A 120 2.82 14.14 -0.02
N TYR A 121 1.95 15.05 0.41
CA TYR A 121 1.99 15.53 1.78
C TYR A 121 1.45 14.49 2.76
N ILE A 122 0.40 13.76 2.37
CA ILE A 122 -0.21 12.78 3.26
C ILE A 122 0.71 11.58 3.46
N LEU A 123 1.43 11.20 2.39
CA LEU A 123 2.41 10.10 2.45
C LEU A 123 3.59 10.47 3.33
N LYS A 124 3.96 11.75 3.33
CA LYS A 124 5.02 12.22 4.20
C LYS A 124 4.59 12.02 5.62
N ILE A 125 3.38 12.45 5.92
CA ILE A 125 2.84 12.31 7.26
C ILE A 125 2.83 10.84 7.71
N LEU A 126 2.40 9.94 6.83
CA LEU A 126 2.36 8.52 7.16
C LEU A 126 3.73 8.04 7.56
N ASN A 127 4.71 8.31 6.69
CA ASN A 127 6.10 7.82 6.91
C ASN A 127 6.75 8.40 8.16
N GLN A 128 6.63 9.72 8.34
CA GLN A 128 7.26 10.44 9.46
C GLN A 128 6.49 10.39 10.79
N HIS A 129 5.17 10.38 10.74
CA HIS A 129 4.38 10.63 11.94
C HIS A 129 3.47 9.49 12.35
N LEU A 130 3.20 8.56 11.45
CA LEU A 130 2.24 7.51 11.74
C LEU A 130 2.90 6.15 11.84
N ASP A 131 2.41 5.35 12.76
CA ASP A 131 2.97 4.05 13.01
C ASP A 131 1.89 3.02 12.76
N ILE A 132 1.81 2.54 11.51
CA ILE A 132 0.71 1.67 11.08
C ILE A 132 1.10 0.19 11.17
N LYS A 133 0.42 -0.56 12.03
CA LYS A 133 0.54 -2.00 12.05
C LYS A 133 -0.41 -2.64 11.03
N VAL A 134 0.15 -3.28 10.01
CA VAL A 134 -0.65 -3.86 8.93
C VAL A 134 -0.91 -5.33 9.24
N TYR A 135 -2.15 -5.66 9.60
CA TYR A 135 -2.51 -7.03 9.93
C TYR A 135 -2.58 -7.82 8.64
N VAL A 136 -1.84 -8.94 8.61
CA VAL A 136 -1.75 -9.76 7.41
C VAL A 136 -2.38 -11.12 7.63
N GLY A 137 -3.16 -11.57 6.65
CA GLY A 137 -3.72 -12.93 6.68
C GLY A 137 -5.15 -12.96 6.14
N ASP B 6 -7.59 -3.60 -34.36
CA ASP B 6 -7.66 -3.30 -32.90
C ASP B 6 -6.62 -4.10 -32.12
N GLN B 7 -6.13 -5.21 -32.67
CA GLN B 7 -5.15 -6.06 -31.97
C GLN B 7 -3.80 -5.38 -31.77
N MET B 8 -3.47 -4.41 -32.60
CA MET B 8 -2.25 -3.63 -32.38
C MET B 8 -2.54 -2.61 -31.30
N GLU B 9 -3.69 -1.92 -31.42
CA GLU B 9 -4.05 -0.91 -30.44
C GLU B 9 -4.36 -1.52 -29.06
N THR B 10 -5.11 -2.61 -28.99
CA THR B 10 -5.37 -3.22 -27.68
C THR B 10 -4.09 -3.80 -27.04
N SER B 11 -3.13 -4.23 -27.85
CA SER B 11 -1.84 -4.65 -27.34
C SER B 11 -1.12 -3.48 -26.67
N TYR B 12 -1.09 -2.34 -27.37
CA TYR B 12 -0.45 -1.13 -26.88
C TYR B 12 -1.01 -0.76 -25.53
N VAL B 13 -2.36 -0.72 -25.46
CA VAL B 13 -3.09 -0.47 -24.22
C VAL B 13 -2.81 -1.49 -23.10
N SER B 14 -2.73 -2.77 -23.44
CA SER B 14 -2.43 -3.79 -22.44
C SER B 14 -0.99 -3.64 -21.86
N LEU B 15 -0.02 -3.34 -22.72
CA LEU B 15 1.33 -3.05 -22.26
C LEU B 15 1.37 -1.75 -21.49
N LYS B 16 0.67 -0.75 -21.98
CA LYS B 16 0.69 0.60 -21.41
C LYS B 16 0.13 0.56 -20.00
N THR B 17 -0.99 -0.13 -19.83
CA THR B 17 -1.61 -0.27 -18.56
C THR B 17 -0.69 -0.99 -17.58
N TRP B 18 0.03 -1.97 -18.10
CA TRP B 18 0.89 -2.78 -17.27
C TRP B 18 2.12 -1.98 -16.84
N ILE B 19 2.70 -1.25 -17.77
CA ILE B 19 3.83 -0.40 -17.44
C ILE B 19 3.47 0.60 -16.35
N GLU B 20 2.34 1.31 -16.53
CA GLU B 20 1.90 2.36 -15.63
C GLU B 20 1.68 1.91 -14.19
N ASP B 21 1.36 0.63 -14.01
CA ASP B 21 1.14 0.04 -12.71
C ASP B 21 2.39 -0.61 -12.09
N SER B 22 3.53 -0.48 -12.74
CA SER B 22 4.76 -1.05 -12.17
C SER B 22 5.54 -0.08 -11.27
N LEU B 23 6.46 -0.62 -10.48
CA LEU B 23 7.35 0.19 -9.65
C LEU B 23 8.03 1.27 -10.48
N ASP B 24 8.13 2.48 -9.93
CA ASP B 24 8.71 3.60 -10.66
C ASP B 24 10.09 3.21 -11.22
N LEU B 25 10.88 2.50 -10.41
CA LEU B 25 12.22 2.09 -10.77
C LEU B 25 12.28 1.31 -12.07
N PHE B 26 11.24 0.51 -12.33
CA PHE B 26 11.18 -0.26 -13.55
C PHE B 26 10.44 0.50 -14.67
N LYS B 27 9.44 1.29 -14.27
CA LYS B 27 8.66 2.09 -15.20
C LYS B 27 9.51 3.06 -16.04
N ASN B 28 10.52 3.67 -15.43
CA ASN B 28 11.47 4.51 -16.18
C ASN B 28 12.12 3.83 -17.37
N ASP B 29 12.45 2.56 -17.22
CA ASP B 29 13.12 1.81 -18.28
C ASP B 29 12.07 1.29 -19.26
N LEU B 30 10.86 1.12 -18.75
CA LEU B 30 9.79 0.57 -19.56
C LEU B 30 9.06 1.59 -20.42
N LEU B 31 8.79 2.78 -19.89
CA LEU B 31 8.01 3.79 -20.65
C LEU B 31 8.58 4.09 -22.06
N PRO B 32 9.91 4.27 -22.17
CA PRO B 32 10.53 4.54 -23.48
C PRO B 32 10.15 3.56 -24.60
N LEU B 33 9.74 2.35 -24.26
CA LEU B 33 9.34 1.39 -25.26
C LEU B 33 8.04 1.80 -25.94
N LEU B 34 7.15 2.48 -25.23
CA LEU B 34 5.87 2.87 -25.80
C LEU B 34 5.98 3.79 -27.01
N TYR B 35 7.02 4.60 -27.10
CA TYR B 35 7.11 5.51 -28.21
C TYR B 35 7.32 4.77 -29.54
N PRO B 36 8.42 4.00 -29.67
CA PRO B 36 8.66 3.27 -30.91
C PRO B 36 7.52 2.35 -31.33
N LEU B 37 6.88 1.72 -30.36
CA LEU B 37 5.73 0.86 -30.63
C LEU B 37 4.58 1.69 -31.20
N PHE B 38 4.41 2.89 -30.64
CA PHE B 38 3.38 3.84 -31.04
C PHE B 38 3.49 4.24 -32.52
N ILE B 39 4.67 4.64 -32.93
CA ILE B 39 4.93 5.00 -34.33
C ILE B 39 4.73 3.76 -35.23
N HIS B 40 5.16 2.61 -34.75
CA HIS B 40 5.08 1.41 -35.58
C HIS B 40 3.64 1.03 -35.84
N ILE B 41 2.83 1.10 -34.80
CA ILE B 41 1.41 0.79 -34.92
C ILE B 41 0.73 1.77 -35.87
N TYR B 42 1.09 3.05 -35.73
CA TYR B 42 0.55 4.12 -36.57
C TYR B 42 0.77 3.79 -38.06
N PHE B 43 2.02 3.45 -38.38
CA PHE B 43 2.40 3.15 -39.77
C PHE B 43 1.73 1.89 -40.27
N ASP B 44 1.61 0.89 -39.41
CA ASP B 44 1.02 -0.38 -39.82
C ASP B 44 -0.45 -0.17 -40.16
N LEU B 45 -1.18 0.60 -39.34
CA LEU B 45 -2.61 0.88 -39.63
C LEU B 45 -2.76 1.61 -40.95
N ILE B 46 -1.95 2.64 -41.15
CA ILE B 46 -1.86 3.30 -42.44
C ILE B 46 -1.51 2.33 -43.56
N GLN B 47 -0.49 1.50 -43.36
CA GLN B 47 -0.09 0.53 -44.40
C GLN B 47 -1.21 -0.50 -44.70
N GLN B 48 -2.06 -0.75 -43.70
CA GLN B 48 -3.24 -1.61 -43.88
C GLN B 48 -4.49 -0.83 -44.33
N ASN B 49 -4.31 0.40 -44.79
CA ASN B 49 -5.42 1.21 -45.31
C ASN B 49 -6.55 1.38 -44.30
N LYS B 50 -6.14 1.73 -43.08
CA LYS B 50 -7.04 2.06 -41.99
C LYS B 50 -6.61 3.44 -41.47
N THR B 51 -6.76 4.44 -42.32
CA THR B 51 -6.27 5.77 -42.00
C THR B 51 -7.01 6.39 -40.82
N ASP B 52 -8.29 6.05 -40.66
CA ASP B 52 -9.11 6.56 -39.55
C ASP B 52 -8.62 6.10 -38.19
N GLU B 53 -8.32 4.83 -38.08
CA GLU B 53 -7.88 4.28 -36.83
C GLU B 53 -6.48 4.79 -36.49
N ALA B 54 -5.68 4.99 -37.54
CA ALA B 54 -4.30 5.46 -37.39
C ALA B 54 -4.29 6.90 -36.84
N LYS B 55 -5.14 7.75 -37.44
CA LYS B 55 -5.34 9.12 -36.97
C LYS B 55 -5.87 9.14 -35.55
N GLU B 56 -6.93 8.39 -35.29
CA GLU B 56 -7.52 8.41 -33.97
C GLU B 56 -6.52 7.96 -32.94
N PHE B 57 -5.81 6.87 -33.25
CA PHE B 57 -4.78 6.32 -32.39
C PHE B 57 -3.69 7.37 -32.10
N PHE B 58 -3.27 8.09 -33.14
CA PHE B 58 -2.18 9.06 -33.06
C PHE B 58 -2.49 10.22 -32.14
N GLU B 59 -3.68 10.80 -32.35
CA GLU B 59 -4.15 11.94 -31.54
C GLU B 59 -4.43 11.54 -30.08
N LYS B 60 -4.87 10.30 -29.89
CA LYS B 60 -5.26 9.82 -28.58
C LYS B 60 -4.06 9.59 -27.68
N TYR B 61 -2.95 9.12 -28.27
CA TYR B 61 -1.80 8.70 -27.47
C TYR B 61 -0.56 9.59 -27.57
N ARG B 62 -0.56 10.58 -28.46
CA ARG B 62 0.61 11.43 -28.66
C ARG B 62 0.97 12.27 -27.41
N GLY B 63 -0.03 12.66 -26.64
CA GLY B 63 0.24 13.34 -25.37
C GLY B 63 1.15 12.58 -24.41
N ASP B 64 1.11 11.26 -24.47
CA ASP B 64 1.94 10.45 -23.58
C ASP B 64 3.43 10.48 -23.93
N HIS B 65 3.75 10.87 -25.16
CA HIS B 65 5.12 11.00 -25.62
C HIS B 65 5.58 12.45 -25.66
N TYR B 66 5.40 13.14 -24.54
CA TYR B 66 5.79 14.56 -24.35
C TYR B 66 7.31 14.78 -24.34
N ASN B 67 8.08 13.70 -24.32
CA ASN B 67 9.52 13.81 -24.47
C ASN B 67 9.92 13.86 -25.95
N LYS B 68 9.00 13.46 -26.83
CA LYS B 68 9.25 13.37 -28.26
C LYS B 68 8.37 14.35 -29.02
N SER B 69 8.19 15.55 -28.46
CA SER B 69 7.30 16.57 -29.01
C SER B 69 7.59 16.89 -30.49
N GLU B 70 8.85 17.17 -30.80
CA GLU B 70 9.25 17.58 -32.14
C GLU B 70 9.23 16.47 -33.21
N GLU B 71 9.39 15.22 -32.83
CA GLU B 71 9.30 14.11 -33.79
C GLU B 71 7.85 13.84 -34.18
N ILE B 72 6.98 13.88 -33.16
CA ILE B 72 5.56 13.68 -33.33
C ILE B 72 5.01 14.69 -34.33
N LYS B 73 5.50 15.94 -34.30
CA LYS B 73 5.03 16.94 -35.27
C LYS B 73 5.38 16.55 -36.70
N GLN B 74 6.58 16.02 -36.90
CA GLN B 74 7.02 15.57 -38.21
C GLN B 74 6.18 14.41 -38.74
N PHE B 75 5.62 13.61 -37.84
CA PHE B 75 4.81 12.45 -38.22
C PHE B 75 3.32 12.75 -38.39
N GLU B 76 2.83 13.84 -37.80
CA GLU B 76 1.38 14.10 -37.77
C GLU B 76 0.78 14.32 -39.16
N SER B 77 1.63 14.70 -40.12
CA SER B 77 1.17 14.99 -41.46
C SER B 77 0.93 13.73 -42.27
N ILE B 78 1.46 12.60 -41.80
CA ILE B 78 1.34 11.33 -42.50
C ILE B 78 -0.01 10.66 -42.28
N TYR B 79 -0.88 10.76 -43.29
CA TYR B 79 -2.17 10.06 -43.34
C TYR B 79 -2.16 8.80 -44.23
N THR B 80 -1.24 8.71 -45.19
CA THR B 80 -1.31 7.66 -46.21
C THR B 80 0.00 7.00 -46.56
N VAL B 81 -0.13 5.86 -47.24
CA VAL B 81 0.99 5.06 -47.73
C VAL B 81 1.93 5.90 -48.60
N GLN B 82 1.38 6.72 -49.47
CA GLN B 82 2.20 7.59 -50.31
C GLN B 82 3.03 8.57 -49.49
N HIS B 83 2.45 9.16 -48.44
CA HIS B 83 3.19 10.05 -47.55
C HIS B 83 4.34 9.33 -46.86
N ILE B 84 4.08 8.17 -46.30
CA ILE B 84 5.14 7.37 -45.70
C ILE B 84 6.34 7.23 -46.66
N HIS B 85 6.07 7.04 -47.94
CA HIS B 85 7.16 6.91 -48.93
C HIS B 85 7.80 8.27 -49.23
N GLU B 86 7.03 9.35 -49.08
CA GLU B 86 7.51 10.70 -49.39
C GLU B 86 8.39 11.26 -48.26
N ASN B 87 8.06 10.90 -47.03
CA ASN B 87 8.73 11.45 -45.86
C ASN B 87 9.95 10.62 -45.44
N ASN B 88 11.12 11.22 -45.44
CA ASN B 88 12.36 10.48 -45.15
C ASN B 88 12.52 10.16 -43.66
N PHE B 89 11.95 11.00 -42.81
CA PHE B 89 11.93 10.72 -41.38
C PHE B 89 11.23 9.37 -41.11
N ALA B 90 10.15 9.13 -41.85
CA ALA B 90 9.38 7.89 -41.78
C ALA B 90 10.15 6.75 -42.45
N TYR B 91 10.73 7.00 -43.61
CA TYR B 91 11.58 6.00 -44.28
C TYR B 91 12.72 5.56 -43.33
N THR B 92 13.47 6.53 -42.82
CA THR B 92 14.49 6.27 -41.81
C THR B 92 13.99 5.38 -40.66
N PHE B 93 12.77 5.62 -40.19
CA PHE B 93 12.24 4.92 -39.02
C PHE B 93 11.79 3.49 -39.37
N LYS B 94 11.12 3.36 -40.50
CA LYS B 94 10.58 2.09 -40.95
C LYS B 94 11.70 1.03 -40.98
N ASN B 95 12.87 1.45 -41.45
CA ASN B 95 14.03 0.57 -41.55
C ASN B 95 14.84 0.48 -40.25
N SER B 96 15.68 1.48 -40.01
CA SER B 96 16.69 1.45 -38.95
C SER B 96 16.11 1.20 -37.57
N LYS B 97 16.95 0.73 -36.65
CA LYS B 97 16.51 0.24 -35.36
C LYS B 97 16.32 1.39 -34.40
N TYR B 98 15.35 1.26 -33.51
CA TYR B 98 15.19 2.20 -32.40
C TYR B 98 15.92 1.69 -31.14
N HIS B 99 16.83 2.51 -30.61
CA HIS B 99 17.65 2.14 -29.46
C HIS B 99 17.02 2.44 -28.11
N LEU B 100 17.04 1.44 -27.24
CA LEU B 100 16.52 1.57 -25.88
C LEU B 100 17.53 1.08 -24.88
N SER B 101 17.42 1.60 -23.65
CA SER B 101 18.30 1.18 -22.57
C SER B 101 17.48 0.64 -21.41
N MET B 102 17.90 -0.49 -20.85
CA MET B 102 17.11 -1.20 -19.84
C MET B 102 17.90 -1.99 -18.83
N GLY B 103 17.54 -1.88 -17.56
CA GLY B 103 18.00 -2.80 -16.55
C GLY B 103 17.51 -4.18 -16.90
N ARG B 104 18.27 -5.19 -16.50
CA ARG B 104 17.96 -6.58 -16.84
C ARG B 104 16.68 -7.07 -16.16
N TYR B 105 16.43 -6.59 -14.95
CA TYR B 105 15.25 -7.01 -14.23
C TYR B 105 14.01 -6.46 -14.91
N ALA B 106 14.07 -5.22 -15.38
CA ALA B 106 12.94 -4.65 -16.10
C ALA B 106 12.69 -5.46 -17.35
N PHE B 107 13.78 -5.75 -18.05
CA PHE B 107 13.79 -6.50 -19.31
C PHE B 107 13.12 -7.84 -19.11
N ASP B 108 13.57 -8.57 -18.11
CA ASP B 108 12.95 -9.84 -17.77
C ASP B 108 11.48 -9.67 -17.45
N LEU B 109 11.12 -8.64 -16.68
CA LEU B 109 9.71 -8.37 -16.43
C LEU B 109 8.97 -8.16 -17.75
N LEU B 110 9.53 -7.38 -18.65
CA LEU B 110 8.87 -7.05 -19.91
C LEU B 110 8.63 -8.29 -20.76
N ILE B 111 9.67 -9.10 -20.91
CA ILE B 111 9.62 -10.28 -21.79
C ILE B 111 8.68 -11.33 -21.22
N ASN B 112 8.63 -11.43 -19.90
CA ASN B 112 7.70 -12.34 -19.24
C ASN B 112 6.28 -11.89 -19.48
N PHE B 113 6.01 -10.60 -19.28
CA PHE B 113 4.67 -10.05 -19.47
C PHE B 113 4.22 -10.30 -20.91
N LEU B 114 5.03 -9.84 -21.86
CA LEU B 114 4.72 -10.00 -23.27
C LEU B 114 4.43 -11.46 -23.64
N GLU B 115 5.14 -12.40 -23.04
CA GLU B 115 4.95 -13.82 -23.37
C GLU B 115 3.79 -14.53 -22.67
N GLU B 116 3.52 -14.21 -21.41
CA GLU B 116 2.33 -14.70 -20.71
C GLU B 116 1.07 -14.23 -21.44
N ARG B 117 1.12 -12.99 -21.92
CA ARG B 117 -0.05 -12.34 -22.49
C ARG B 117 -0.13 -12.52 -24.02
N ASN B 118 0.73 -13.35 -24.58
CA ASN B 118 0.77 -13.62 -26.02
C ASN B 118 0.65 -12.39 -26.96
N LEU B 119 1.42 -11.36 -26.64
CA LEU B 119 1.43 -10.12 -27.41
C LEU B 119 2.49 -10.22 -28.51
N THR B 120 2.23 -11.07 -29.50
CA THR B 120 3.24 -11.46 -30.47
C THR B 120 3.55 -10.34 -31.48
N TYR B 121 2.64 -9.38 -31.60
CA TYR B 121 2.93 -8.22 -32.40
C TYR B 121 4.03 -7.41 -31.74
N ILE B 122 3.88 -7.16 -30.45
CA ILE B 122 4.86 -6.37 -29.73
C ILE B 122 6.21 -7.06 -29.74
N LEU B 123 6.23 -8.38 -29.52
CA LEU B 123 7.48 -9.15 -29.60
C LEU B 123 8.13 -9.13 -30.98
N LYS B 124 7.32 -9.14 -32.02
CA LYS B 124 7.84 -9.00 -33.38
C LYS B 124 8.57 -7.66 -33.55
N ILE B 125 7.98 -6.59 -33.04
CA ILE B 125 8.59 -5.27 -33.16
C ILE B 125 9.91 -5.25 -32.36
N LEU B 126 9.87 -5.83 -31.18
CA LEU B 126 11.01 -5.91 -30.31
C LEU B 126 12.21 -6.63 -30.98
N ASN B 127 12.00 -7.82 -31.51
CA ASN B 127 13.08 -8.56 -32.18
C ASN B 127 13.58 -7.88 -33.45
N GLN B 128 12.62 -7.36 -34.20
CA GLN B 128 12.83 -6.88 -35.54
C GLN B 128 13.35 -5.44 -35.59
N HIS B 129 12.76 -4.56 -34.78
CA HIS B 129 13.03 -3.13 -34.92
C HIS B 129 13.63 -2.44 -33.72
N LEU B 130 13.80 -3.12 -32.60
CA LEU B 130 14.34 -2.46 -31.41
C LEU B 130 15.75 -2.95 -31.09
N ASP B 131 16.62 -2.03 -30.72
CA ASP B 131 17.96 -2.41 -30.28
C ASP B 131 18.08 -2.08 -28.77
N ILE B 132 17.93 -3.10 -27.94
CA ILE B 132 17.86 -2.93 -26.49
C ILE B 132 19.17 -3.30 -25.81
N LYS B 133 19.84 -2.30 -25.25
CA LYS B 133 21.01 -2.52 -24.42
C LYS B 133 20.54 -2.92 -23.01
N VAL B 134 20.90 -4.13 -22.60
CA VAL B 134 20.49 -4.62 -21.31
C VAL B 134 21.66 -4.49 -20.34
N TYR B 135 21.56 -3.51 -19.45
CA TYR B 135 22.61 -3.28 -18.46
C TYR B 135 22.52 -4.45 -17.49
N VAL B 136 23.67 -5.05 -17.20
CA VAL B 136 23.72 -6.27 -16.38
C VAL B 136 24.46 -6.04 -15.06
N GLY B 137 24.28 -6.95 -14.11
CA GLY B 137 24.76 -6.74 -12.74
C GLY B 137 24.09 -5.53 -12.12
N PRO B 138 24.51 -5.13 -10.93
CA PRO B 138 25.44 -5.82 -10.03
C PRO B 138 24.76 -6.89 -9.17
N LYS C 5 23.90 6.90 -0.19
CA LYS C 5 25.04 6.26 0.52
C LYS C 5 26.32 7.08 0.32
N ASP C 6 26.66 7.34 -0.93
CA ASP C 6 27.85 8.10 -1.27
C ASP C 6 27.47 9.58 -1.33
N GLN C 7 26.18 9.81 -1.55
CA GLN C 7 25.59 11.14 -1.45
C GLN C 7 25.83 11.67 -0.04
N MET C 8 25.40 10.89 0.95
CA MET C 8 25.51 11.26 2.36
C MET C 8 26.97 11.44 2.79
N GLU C 9 27.82 10.50 2.41
CA GLU C 9 29.25 10.58 2.76
C GLU C 9 29.91 11.84 2.16
N THR C 10 29.65 12.11 0.90
CA THR C 10 30.24 13.27 0.24
C THR C 10 29.68 14.56 0.81
N SER C 11 28.39 14.56 1.14
CA SER C 11 27.77 15.70 1.84
C SER C 11 28.54 16.02 3.12
N TYR C 12 28.71 14.98 3.93
CA TYR C 12 29.40 15.09 5.20
C TYR C 12 30.85 15.56 5.06
N VAL C 13 31.66 14.76 4.39
CA VAL C 13 33.08 15.04 4.22
C VAL C 13 33.29 16.38 3.50
N SER C 14 32.32 16.75 2.68
CA SER C 14 32.31 18.05 1.99
C SER C 14 32.20 19.19 3.00
N LEU C 15 31.26 19.06 3.93
CA LEU C 15 31.10 20.02 5.02
C LEU C 15 32.31 20.01 5.95
N LYS C 16 32.85 18.82 6.21
CA LYS C 16 33.98 18.68 7.13
C LYS C 16 35.24 19.38 6.62
N THR C 17 35.55 19.20 5.35
CA THR C 17 36.75 19.80 4.78
C THR C 17 36.66 21.32 4.77
N TRP C 18 35.51 21.83 4.32
CA TRP C 18 35.26 23.26 4.31
C TRP C 18 35.49 23.87 5.70
N ILE C 19 34.86 23.32 6.73
CA ILE C 19 34.97 23.81 8.10
C ILE C 19 36.42 23.81 8.62
N GLU C 20 37.16 22.75 8.37
CA GLU C 20 38.58 22.73 8.73
C GLU C 20 39.28 23.98 8.18
N ASP C 21 38.94 24.38 6.96
CA ASP C 21 39.55 25.57 6.33
C ASP C 21 38.67 26.83 6.45
N SER C 22 38.29 27.19 7.68
CA SER C 22 37.58 28.45 7.93
C SER C 22 38.13 29.13 9.20
N LEU C 23 37.96 30.45 9.31
CA LEU C 23 38.56 31.20 10.44
C LEU C 23 38.10 30.51 11.72
N ASP C 24 39.01 30.41 12.68
CA ASP C 24 38.70 29.72 13.94
C ASP C 24 37.52 30.37 14.68
N LEU C 25 37.36 31.69 14.50
CA LEU C 25 36.22 32.45 15.06
C LEU C 25 34.91 31.91 14.54
N PHE C 26 34.92 31.36 13.34
CA PHE C 26 33.72 30.75 12.79
C PHE C 26 33.77 29.23 12.75
N LYS C 27 34.97 28.65 12.78
CA LYS C 27 35.13 27.19 12.90
C LYS C 27 34.51 26.70 14.20
N ASN C 28 34.69 27.48 15.25
CA ASN C 28 34.11 27.20 16.57
C ASN C 28 32.61 26.97 16.47
N ASP C 29 31.93 27.74 15.64
CA ASP C 29 30.46 27.68 15.59
C ASP C 29 29.92 26.57 14.66
N LEU C 30 30.78 26.05 13.79
CA LEU C 30 30.36 25.13 12.75
C LEU C 30 30.74 23.66 13.01
N LEU C 31 31.84 23.44 13.71
CA LEU C 31 32.28 22.09 14.08
C LEU C 31 31.23 21.28 14.84
N PRO C 32 30.51 21.92 15.78
CA PRO C 32 29.44 21.21 16.52
C PRO C 32 28.36 20.54 15.66
N LEU C 33 28.34 20.85 14.36
CA LEU C 33 27.32 20.36 13.45
C LEU C 33 27.69 18.98 12.84
N LEU C 34 28.98 18.65 12.92
CA LEU C 34 29.47 17.39 12.41
C LEU C 34 28.94 16.18 13.18
N TYR C 35 28.99 16.23 14.50
CA TYR C 35 28.55 15.11 15.31
C TYR C 35 27.12 14.67 14.96
N PRO C 36 26.13 15.55 15.19
CA PRO C 36 24.76 15.10 14.95
C PRO C 36 24.54 14.69 13.51
N LEU C 37 25.22 15.34 12.59
CA LEU C 37 25.09 14.98 11.19
C LEU C 37 25.64 13.57 10.95
N PHE C 38 26.79 13.28 11.54
CA PHE C 38 27.41 11.94 11.55
C PHE C 38 26.42 10.87 11.99
N ILE C 39 25.96 11.03 13.23
CA ILE C 39 25.02 10.09 13.82
C ILE C 39 23.79 9.91 12.93
N HIS C 40 23.26 11.01 12.42
CA HIS C 40 22.05 10.93 11.60
C HIS C 40 22.23 10.17 10.27
N ILE C 41 23.38 10.33 9.62
CA ILE C 41 23.71 9.59 8.39
C ILE C 41 23.78 8.07 8.65
N TYR C 42 24.31 7.73 9.83
CA TYR C 42 24.45 6.38 10.33
C TYR C 42 23.11 5.71 10.55
N PHE C 43 22.20 6.39 11.23
CA PHE C 43 20.84 5.86 11.47
C PHE C 43 20.06 5.72 10.18
N ASP C 44 20.22 6.69 9.28
CA ASP C 44 19.57 6.64 7.98
C ASP C 44 20.07 5.46 7.15
N LEU C 45 21.37 5.18 7.18
CA LEU C 45 21.89 3.97 6.57
C LEU C 45 21.27 2.72 7.22
N ILE C 46 21.21 2.69 8.54
CA ILE C 46 20.62 1.57 9.26
C ILE C 46 19.13 1.41 8.96
N GLN C 47 18.40 2.53 8.90
CA GLN C 47 16.95 2.52 8.72
C GLN C 47 16.58 2.06 7.32
N GLN C 48 17.54 2.12 6.40
CA GLN C 48 17.38 1.53 5.06
C GLN C 48 18.00 0.14 4.96
N ASN C 49 18.42 -0.42 6.10
CA ASN C 49 18.96 -1.79 6.15
C ASN C 49 20.29 -1.98 5.43
N LYS C 50 20.93 -0.87 5.07
CA LYS C 50 22.27 -0.89 4.51
C LYS C 50 23.28 -0.91 5.63
N THR C 51 23.38 -2.02 6.35
CA THR C 51 24.22 -2.09 7.54
C THR C 51 25.72 -1.92 7.27
N ASP C 52 26.29 -2.86 6.51
CA ASP C 52 27.73 -2.87 6.29
C ASP C 52 28.20 -1.49 5.83
N GLU C 53 27.34 -0.77 5.11
CA GLU C 53 27.69 0.54 4.58
C GLU C 53 27.63 1.61 5.67
N ALA C 54 26.71 1.44 6.61
CA ALA C 54 26.59 2.32 7.78
C ALA C 54 27.69 2.02 8.78
N LYS C 55 27.92 0.72 9.01
CA LYS C 55 28.98 0.23 9.90
C LYS C 55 30.35 0.68 9.41
N GLU C 56 30.49 0.78 8.09
CA GLU C 56 31.73 1.27 7.50
C GLU C 56 31.94 2.76 7.76
N PHE C 57 30.94 3.56 7.39
CA PHE C 57 30.95 5.01 7.57
C PHE C 57 31.23 5.38 9.03
N PHE C 58 30.59 4.67 9.94
CA PHE C 58 30.77 4.92 11.35
C PHE C 58 32.25 4.77 11.70
N GLU C 59 32.82 3.61 11.43
CA GLU C 59 34.23 3.38 11.75
C GLU C 59 35.16 4.46 11.20
N LYS C 60 34.93 4.89 9.97
CA LYS C 60 35.85 5.80 9.30
C LYS C 60 35.92 7.16 10.00
N TYR C 61 34.75 7.75 10.26
CA TYR C 61 34.65 9.12 10.77
C TYR C 61 34.32 9.23 12.27
N ARG C 62 34.31 8.11 13.00
CA ARG C 62 34.07 8.17 14.44
C ARG C 62 35.21 8.87 15.19
N GLY C 63 36.43 8.75 14.66
CA GLY C 63 37.62 9.33 15.30
C GLY C 63 37.71 10.84 15.22
N ASP C 64 36.85 11.44 14.41
CA ASP C 64 36.85 12.88 14.20
C ASP C 64 36.24 13.67 15.36
N HIS C 65 35.75 12.97 16.38
CA HIS C 65 34.97 13.60 17.44
C HIS C 65 35.63 13.47 18.82
N TYR C 66 35.82 14.61 19.49
CA TYR C 66 36.50 14.61 20.79
C TYR C 66 35.53 14.69 21.95
N ASN C 67 35.94 14.15 23.09
CA ASN C 67 35.10 14.05 24.27
C ASN C 67 33.77 13.35 24.01
N LYS C 68 33.67 12.69 22.86
CA LYS C 68 32.48 11.94 22.47
C LYS C 68 32.78 10.44 22.46
N SER C 69 33.93 10.06 22.99
CA SER C 69 34.35 8.67 23.01
C SER C 69 33.73 7.94 24.21
N GLU C 70 32.46 8.17 24.41
CA GLU C 70 31.65 7.47 25.41
C GLU C 70 30.26 7.31 24.83
N GLU C 71 29.71 8.43 24.34
CA GLU C 71 28.48 8.43 23.59
C GLU C 71 28.64 7.57 22.34
N ILE C 72 29.69 7.84 21.57
CA ILE C 72 29.93 7.13 20.31
C ILE C 72 30.04 5.63 20.47
N LYS C 73 30.51 5.21 21.64
CA LYS C 73 30.71 3.79 21.91
C LYS C 73 29.41 3.12 22.33
N GLN C 74 28.41 3.92 22.65
CA GLN C 74 27.07 3.38 22.85
C GLN C 74 26.43 3.10 21.49
N PHE C 75 26.83 3.86 20.47
CA PHE C 75 26.30 3.75 19.12
C PHE C 75 27.08 2.75 18.27
N GLU C 76 28.33 2.47 18.65
CA GLU C 76 29.16 1.53 17.88
C GLU C 76 28.45 0.18 17.68
N SER C 77 27.61 -0.20 18.64
CA SER C 77 26.92 -1.47 18.59
C SER C 77 25.50 -1.36 18.04
N ILE C 78 25.02 -0.14 17.82
CA ILE C 78 23.66 0.09 17.31
C ILE C 78 23.64 0.07 15.80
N TYR C 79 23.35 -1.10 15.23
CA TYR C 79 23.49 -1.33 13.80
C TYR C 79 22.24 -1.91 13.08
N THR C 80 21.13 -2.06 13.78
CA THR C 80 19.86 -2.46 13.17
C THR C 80 18.70 -1.65 13.70
N VAL C 81 17.62 -1.64 12.94
CA VAL C 81 16.38 -0.99 13.35
C VAL C 81 16.01 -1.37 14.78
N GLN C 82 15.98 -2.67 15.07
CA GLN C 82 15.64 -3.17 16.40
C GLN C 82 16.55 -2.60 17.50
N HIS C 83 17.85 -2.50 17.21
CA HIS C 83 18.80 -1.85 18.13
C HIS C 83 18.41 -0.43 18.49
N ILE C 84 18.07 0.36 17.49
CA ILE C 84 17.64 1.75 17.72
C ILE C 84 16.46 1.78 18.66
N HIS C 85 15.43 0.99 18.36
CA HIS C 85 14.21 0.96 19.18
C HIS C 85 14.46 0.52 20.64
N GLU C 86 15.32 -0.46 20.85
CA GLU C 86 15.48 -1.04 22.19
C GLU C 86 16.37 -0.20 23.13
N ASN C 87 17.31 0.54 22.55
CA ASN C 87 18.13 1.48 23.31
C ASN C 87 17.49 2.87 23.31
N ASN C 88 17.06 3.34 24.49
CA ASN C 88 16.41 4.64 24.65
C ASN C 88 17.23 5.84 24.16
N PHE C 89 18.52 5.85 24.48
CA PHE C 89 19.38 6.96 24.07
C PHE C 89 19.48 7.08 22.53
N ALA C 90 19.47 5.94 21.85
CA ALA C 90 19.52 5.92 20.39
C ALA C 90 18.17 6.34 19.82
N TYR C 91 17.10 5.92 20.50
CA TYR C 91 15.74 6.27 20.12
C TYR C 91 15.49 7.74 20.36
N THR C 92 15.93 8.24 21.51
CA THR C 92 15.78 9.66 21.84
C THR C 92 16.51 10.56 20.85
N PHE C 93 17.70 10.14 20.43
CA PHE C 93 18.48 10.93 19.49
C PHE C 93 17.76 11.01 18.14
N LYS C 94 17.37 9.84 17.64
CA LYS C 94 16.67 9.75 16.37
C LYS C 94 15.37 10.57 16.37
N ASN C 95 14.74 10.75 17.53
CA ASN C 95 13.47 11.48 17.64
C ASN C 95 13.50 12.77 18.48
N SER C 96 14.67 13.34 18.69
CA SER C 96 14.74 14.59 19.40
C SER C 96 15.52 15.62 18.62
N LYS C 97 15.36 16.87 19.01
CA LYS C 97 16.10 17.95 18.40
C LYS C 97 17.49 18.00 19.03
N TYR C 98 18.50 18.11 18.19
CA TYR C 98 19.85 18.32 18.69
C TYR C 98 20.08 19.83 18.76
N HIS C 99 20.56 20.30 19.90
CA HIS C 99 20.66 21.72 20.15
C HIS C 99 22.04 22.25 19.82
N LEU C 100 22.03 23.34 19.04
CA LEU C 100 23.24 23.97 18.55
C LEU C 100 23.15 25.46 18.78
N SER C 101 24.28 26.13 18.65
CA SER C 101 24.34 27.55 18.82
C SER C 101 25.38 28.21 17.91
N MET C 102 25.03 29.36 17.35
CA MET C 102 25.97 30.09 16.53
C MET C 102 25.52 31.53 16.32
N GLY C 103 26.48 32.41 16.05
CA GLY C 103 26.19 33.78 15.66
C GLY C 103 25.64 33.81 14.24
N ARG C 104 24.97 34.90 13.88
CA ARG C 104 24.33 34.99 12.59
C ARG C 104 25.32 34.88 11.43
N TYR C 105 26.47 35.52 11.57
CA TYR C 105 27.50 35.47 10.54
C TYR C 105 27.87 34.03 10.17
N ALA C 106 28.22 33.22 11.16
CA ALA C 106 28.61 31.83 10.87
C ALA C 106 27.43 31.02 10.33
N PHE C 107 26.24 31.34 10.82
CA PHE C 107 24.99 30.73 10.35
C PHE C 107 24.81 30.98 8.87
N ASP C 108 24.93 32.25 8.48
CA ASP C 108 24.87 32.67 7.07
C ASP C 108 25.92 31.97 6.22
N LEU C 109 27.13 31.80 6.73
CA LEU C 109 28.17 31.10 5.97
C LEU C 109 27.73 29.67 5.75
N LEU C 110 27.19 29.05 6.80
CA LEU C 110 26.77 27.66 6.72
C LEU C 110 25.69 27.49 5.67
N ILE C 111 24.67 28.35 5.73
CA ILE C 111 23.49 28.16 4.89
C ILE C 111 23.82 28.44 3.43
N ASN C 112 24.54 29.52 3.19
CA ASN C 112 24.96 29.87 1.85
C ASN C 112 25.77 28.71 1.29
N PHE C 113 26.64 28.16 2.13
CA PHE C 113 27.50 27.06 1.75
C PHE C 113 26.69 25.83 1.30
N LEU C 114 25.72 25.43 2.10
CA LEU C 114 24.88 24.28 1.79
C LEU C 114 24.06 24.49 0.52
N GLU C 115 23.37 25.62 0.45
CA GLU C 115 22.49 25.94 -0.68
C GLU C 115 23.25 25.90 -2.01
N GLU C 116 24.38 26.63 -2.06
CA GLU C 116 25.25 26.67 -3.22
C GLU C 116 25.65 25.29 -3.72
N ARG C 117 26.13 24.45 -2.80
CA ARG C 117 26.60 23.11 -3.14
C ARG C 117 25.45 22.10 -3.21
N ASN C 118 24.22 22.60 -3.14
CA ASN C 118 23.04 21.76 -3.28
C ASN C 118 23.00 20.61 -2.28
N LEU C 119 23.54 20.84 -1.10
CA LEU C 119 23.61 19.83 -0.05
C LEU C 119 22.25 19.72 0.65
N THR C 120 21.24 19.23 -0.05
CA THR C 120 19.86 19.27 0.46
C THR C 120 19.60 18.22 1.52
N TYR C 121 20.43 17.19 1.58
CA TYR C 121 20.31 16.20 2.63
C TYR C 121 20.63 16.86 3.98
N ILE C 122 21.76 17.56 4.04
CA ILE C 122 22.17 18.31 5.21
C ILE C 122 21.15 19.36 5.62
N LEU C 123 20.62 20.08 4.64
CA LEU C 123 19.57 21.08 4.86
C LEU C 123 18.30 20.47 5.51
N LYS C 124 17.96 19.22 5.17
CA LYS C 124 16.77 18.56 5.71
C LYS C 124 16.99 18.12 7.17
N ILE C 125 18.16 17.54 7.45
CA ILE C 125 18.55 17.26 8.82
C ILE C 125 18.48 18.54 9.65
N LEU C 126 18.98 19.62 9.07
CA LEU C 126 18.99 20.93 9.71
C LEU C 126 17.58 21.32 10.14
N ASN C 127 16.64 21.33 9.19
CA ASN C 127 15.26 21.76 9.46
C ASN C 127 14.48 20.74 10.30
N GLN C 128 14.74 19.46 10.10
CA GLN C 128 13.99 18.42 10.77
C GLN C 128 14.55 18.00 12.14
N HIS C 129 15.86 17.98 12.31
CA HIS C 129 16.43 17.42 13.53
C HIS C 129 17.30 18.36 14.37
N LEU C 130 17.56 19.57 13.90
CA LEU C 130 18.43 20.47 14.65
C LEU C 130 17.66 21.68 15.18
N ASP C 131 17.98 22.05 16.41
CA ASP C 131 17.47 23.24 17.01
C ASP C 131 18.63 24.22 17.17
N ILE C 132 18.73 25.20 16.27
CA ILE C 132 19.84 26.15 16.24
C ILE C 132 19.46 27.53 16.80
N LYS C 133 20.04 27.89 17.93
CA LYS C 133 19.88 29.23 18.45
C LYS C 133 20.84 30.15 17.75
N VAL C 134 20.31 31.13 17.03
CA VAL C 134 21.13 32.05 16.25
C VAL C 134 21.22 33.40 16.97
N TYR C 135 22.44 33.75 17.36
CA TYR C 135 22.70 34.95 18.14
C TYR C 135 22.86 36.15 17.23
N VAL C 136 22.05 37.17 17.46
CA VAL C 136 21.98 38.30 16.57
C VAL C 136 22.57 39.55 17.24
N GLY C 137 23.22 40.39 16.43
CA GLY C 137 24.02 41.48 16.93
C GLY C 137 25.47 41.06 17.14
N GLN D 7 -9.37 -11.41 -31.06
CA GLN D 7 -10.18 -10.36 -30.39
C GLN D 7 -11.01 -10.94 -29.25
N MET D 8 -11.73 -12.03 -29.53
CA MET D 8 -12.55 -12.65 -28.50
C MET D 8 -11.67 -13.29 -27.43
N GLU D 9 -10.64 -13.99 -27.86
CA GLU D 9 -9.69 -14.61 -26.92
C GLU D 9 -8.96 -13.54 -26.11
N THR D 10 -8.48 -12.53 -26.82
CA THR D 10 -7.77 -11.40 -26.21
C THR D 10 -8.61 -10.75 -25.12
N SER D 11 -9.90 -10.62 -25.40
CA SER D 11 -10.82 -9.97 -24.50
C SER D 11 -11.03 -10.82 -23.26
N TYR D 12 -11.25 -12.11 -23.48
CA TYR D 12 -11.42 -13.09 -22.43
C TYR D 12 -10.24 -13.01 -21.46
N VAL D 13 -9.05 -13.19 -22.03
CA VAL D 13 -7.82 -13.14 -21.29
C VAL D 13 -7.68 -11.84 -20.49
N SER D 14 -8.04 -10.72 -21.09
CA SER D 14 -7.97 -9.43 -20.40
C SER D 14 -8.88 -9.36 -19.17
N LEU D 15 -10.08 -9.91 -19.29
CA LEU D 15 -11.01 -10.00 -18.14
C LEU D 15 -10.44 -10.95 -17.09
N LYS D 16 -10.05 -12.15 -17.56
CA LYS D 16 -9.43 -13.13 -16.70
C LYS D 16 -8.38 -12.47 -15.81
N THR D 17 -7.39 -11.82 -16.41
CA THR D 17 -6.29 -11.26 -15.65
C THR D 17 -6.70 -10.08 -14.77
N TRP D 18 -7.72 -9.33 -15.18
CA TRP D 18 -8.29 -8.27 -14.34
C TRP D 18 -9.01 -8.81 -13.10
N ILE D 19 -9.68 -9.95 -13.22
CA ILE D 19 -10.32 -10.59 -12.09
C ILE D 19 -9.27 -11.17 -11.16
N GLU D 20 -8.22 -11.72 -11.74
CA GLU D 20 -7.11 -12.28 -10.96
C GLU D 20 -6.32 -11.20 -10.22
N ASP D 21 -6.50 -9.94 -10.60
CA ASP D 21 -5.81 -8.83 -9.95
C ASP D 21 -6.69 -8.12 -8.90
N SER D 22 -8.01 -8.15 -9.08
CA SER D 22 -8.92 -7.43 -8.18
C SER D 22 -9.00 -8.09 -6.79
N LEU D 23 -9.43 -7.33 -5.80
CA LEU D 23 -9.47 -7.83 -4.42
C LEU D 23 -10.17 -9.18 -4.33
N ASP D 24 -9.55 -10.10 -3.58
CA ASP D 24 -10.08 -11.43 -3.34
C ASP D 24 -11.52 -11.40 -2.82
N LEU D 25 -11.92 -10.27 -2.26
CA LEU D 25 -13.26 -10.10 -1.71
C LEU D 25 -14.35 -10.16 -2.79
N PHE D 26 -14.01 -9.78 -4.02
CA PHE D 26 -14.97 -9.68 -5.11
C PHE D 26 -14.79 -10.77 -6.13
N LYS D 27 -13.82 -11.65 -5.91
CA LYS D 27 -13.57 -12.72 -6.86
C LYS D 27 -14.74 -13.70 -6.91
N ASN D 28 -15.34 -14.01 -5.76
CA ASN D 28 -16.48 -14.95 -5.72
C ASN D 28 -17.59 -14.61 -6.73
N ASP D 29 -17.93 -13.33 -6.85
CA ASP D 29 -18.94 -12.85 -7.77
C ASP D 29 -18.45 -12.65 -9.22
N LEU D 30 -17.15 -12.36 -9.40
CA LEU D 30 -16.61 -12.07 -10.73
C LEU D 30 -16.18 -13.33 -11.52
N LEU D 31 -15.47 -14.25 -10.87
CA LEU D 31 -15.02 -15.49 -11.52
C LEU D 31 -16.09 -16.27 -12.26
N PRO D 32 -17.29 -16.41 -11.66
CA PRO D 32 -18.37 -17.15 -12.32
C PRO D 32 -18.69 -16.68 -13.75
N LEU D 33 -18.26 -15.46 -14.07
CA LEU D 33 -18.49 -14.88 -15.39
C LEU D 33 -17.61 -15.52 -16.49
N LEU D 34 -16.49 -16.10 -16.12
CA LEU D 34 -15.57 -16.62 -17.13
C LEU D 34 -16.15 -17.81 -17.88
N TYR D 35 -16.79 -18.73 -17.17
CA TYR D 35 -17.33 -19.93 -17.77
C TYR D 35 -18.32 -19.67 -18.91
N PRO D 36 -19.43 -18.95 -18.65
CA PRO D 36 -20.32 -18.63 -19.77
C PRO D 36 -19.62 -17.98 -20.97
N LEU D 37 -18.80 -16.98 -20.70
CA LEU D 37 -18.07 -16.28 -21.74
C LEU D 37 -17.21 -17.26 -22.54
N PHE D 38 -16.44 -18.05 -21.81
CA PHE D 38 -15.71 -19.15 -22.42
C PHE D 38 -16.55 -20.04 -23.38
N ILE D 39 -17.74 -20.46 -22.97
CA ILE D 39 -18.56 -21.33 -23.84
C ILE D 39 -19.02 -20.54 -25.06
N HIS D 40 -19.42 -19.29 -24.83
CA HIS D 40 -19.96 -18.46 -25.91
C HIS D 40 -18.91 -18.10 -26.96
N ILE D 41 -17.69 -17.81 -26.52
CA ILE D 41 -16.55 -17.65 -27.43
C ILE D 41 -16.30 -18.94 -28.22
N TYR D 42 -16.28 -20.06 -27.50
CA TYR D 42 -16.12 -21.38 -28.11
C TYR D 42 -17.17 -21.60 -29.21
N PHE D 43 -18.44 -21.39 -28.84
CA PHE D 43 -19.57 -21.55 -29.76
C PHE D 43 -19.55 -20.55 -30.89
N ASP D 44 -19.06 -19.34 -30.62
CA ASP D 44 -19.01 -18.32 -31.67
C ASP D 44 -17.95 -18.63 -32.74
N LEU D 45 -16.77 -19.07 -32.30
CA LEU D 45 -15.78 -19.65 -33.22
C LEU D 45 -16.43 -20.73 -34.09
N ILE D 46 -17.13 -21.67 -33.46
CA ILE D 46 -17.76 -22.77 -34.19
C ILE D 46 -18.75 -22.26 -35.23
N GLN D 47 -19.55 -21.28 -34.83
CA GLN D 47 -20.53 -20.70 -35.73
C GLN D 47 -19.88 -20.02 -36.93
N GLN D 48 -18.65 -19.57 -36.77
CA GLN D 48 -17.92 -18.96 -37.87
C GLN D 48 -17.16 -20.01 -38.65
N ASN D 49 -17.35 -21.27 -38.28
CA ASN D 49 -16.74 -22.39 -38.98
C ASN D 49 -15.21 -22.40 -38.85
N LYS D 50 -14.70 -21.77 -37.79
CA LYS D 50 -13.30 -21.83 -37.44
C LYS D 50 -13.09 -22.97 -36.45
N THR D 51 -13.10 -24.20 -36.93
CA THR D 51 -13.12 -25.35 -36.04
C THR D 51 -11.81 -25.45 -35.27
N ASP D 52 -10.68 -25.37 -35.97
CA ASP D 52 -9.38 -25.46 -35.32
C ASP D 52 -9.28 -24.45 -34.20
N GLU D 53 -9.49 -23.17 -34.55
CA GLU D 53 -9.47 -22.09 -33.58
C GLU D 53 -10.35 -22.41 -32.37
N ALA D 54 -11.55 -22.95 -32.61
CA ALA D 54 -12.45 -23.30 -31.50
C ALA D 54 -11.77 -24.28 -30.54
N LYS D 55 -11.29 -25.39 -31.12
CA LYS D 55 -10.68 -26.47 -30.34
C LYS D 55 -9.43 -26.01 -29.61
N GLU D 56 -8.63 -25.18 -30.28
CA GLU D 56 -7.43 -24.64 -29.66
C GLU D 56 -7.79 -23.83 -28.43
N PHE D 57 -8.73 -22.90 -28.60
CA PHE D 57 -9.23 -22.08 -27.50
C PHE D 57 -9.77 -22.91 -26.34
N PHE D 58 -10.55 -23.95 -26.66
CA PHE D 58 -11.17 -24.81 -25.66
C PHE D 58 -10.11 -25.50 -24.80
N GLU D 59 -9.10 -26.04 -25.47
CA GLU D 59 -8.05 -26.80 -24.81
C GLU D 59 -7.21 -25.90 -23.91
N LYS D 60 -6.97 -24.67 -24.37
CA LYS D 60 -6.10 -23.75 -23.65
C LYS D 60 -6.72 -23.17 -22.37
N TYR D 61 -8.05 -23.14 -22.27
CA TYR D 61 -8.70 -22.51 -21.09
C TYR D 61 -9.70 -23.39 -20.33
N ARG D 62 -9.95 -24.60 -20.79
CA ARG D 62 -10.93 -25.48 -20.12
C ARG D 62 -10.54 -25.77 -18.68
N GLY D 63 -9.24 -25.77 -18.42
CA GLY D 63 -8.71 -25.96 -17.09
C GLY D 63 -8.97 -24.80 -16.14
N ASP D 64 -9.35 -23.65 -16.68
CA ASP D 64 -9.77 -22.52 -15.85
C ASP D 64 -11.10 -22.83 -15.16
N HIS D 65 -11.80 -23.85 -15.64
CA HIS D 65 -13.12 -24.20 -15.13
C HIS D 65 -13.23 -25.66 -14.68
N TYR D 66 -12.17 -26.16 -14.02
CA TYR D 66 -12.16 -27.53 -13.54
C TYR D 66 -13.26 -27.79 -12.49
N ASN D 67 -13.69 -26.72 -11.83
CA ASN D 67 -14.85 -26.79 -10.95
C ASN D 67 -16.13 -27.19 -11.68
N LYS D 68 -16.07 -27.24 -13.01
CA LYS D 68 -17.23 -27.57 -13.85
C LYS D 68 -16.87 -28.64 -14.86
N SER D 69 -16.07 -29.61 -14.41
CA SER D 69 -15.48 -30.62 -15.29
C SER D 69 -16.47 -31.53 -16.00
N GLU D 70 -17.63 -31.75 -15.39
CA GLU D 70 -18.65 -32.61 -15.99
C GLU D 70 -19.17 -31.96 -17.26
N GLU D 71 -19.64 -30.73 -17.14
CA GLU D 71 -20.19 -29.99 -18.28
C GLU D 71 -19.15 -29.79 -19.37
N ILE D 72 -17.92 -29.53 -18.97
CA ILE D 72 -16.85 -29.30 -19.93
C ILE D 72 -16.66 -30.55 -20.81
N LYS D 73 -16.66 -31.73 -20.19
CA LYS D 73 -16.55 -32.98 -20.94
C LYS D 73 -17.72 -33.13 -21.94
N GLN D 74 -18.90 -32.65 -21.57
CA GLN D 74 -20.03 -32.59 -22.50
C GLN D 74 -19.67 -31.75 -23.72
N PHE D 75 -19.20 -30.52 -23.50
CA PHE D 75 -18.91 -29.58 -24.60
C PHE D 75 -17.75 -29.97 -25.52
N GLU D 76 -16.79 -30.74 -25.02
CA GLU D 76 -15.56 -31.02 -25.78
C GLU D 76 -15.80 -31.72 -27.11
N SER D 77 -16.92 -32.43 -27.22
CA SER D 77 -17.21 -33.23 -28.43
C SER D 77 -18.16 -32.51 -29.37
N ILE D 78 -18.57 -31.30 -28.99
CA ILE D 78 -19.31 -30.41 -29.88
C ILE D 78 -18.32 -29.62 -30.74
N TYR D 79 -18.25 -29.96 -32.02
CA TYR D 79 -17.25 -29.41 -32.96
C TYR D 79 -17.81 -28.54 -34.08
N THR D 80 -19.13 -28.63 -34.32
CA THR D 80 -19.72 -28.04 -35.52
C THR D 80 -21.06 -27.41 -35.23
N VAL D 81 -21.61 -26.74 -36.25
CA VAL D 81 -22.91 -26.12 -36.13
C VAL D 81 -23.98 -27.18 -35.93
N GLN D 82 -23.88 -28.30 -36.65
CA GLN D 82 -24.86 -29.38 -36.52
C GLN D 82 -24.79 -30.04 -35.13
N HIS D 83 -23.61 -30.05 -34.52
CA HIS D 83 -23.47 -30.57 -33.16
C HIS D 83 -24.22 -29.75 -32.15
N ILE D 84 -24.18 -28.42 -32.33
CA ILE D 84 -24.87 -27.53 -31.41
C ILE D 84 -26.36 -27.78 -31.51
N HIS D 85 -26.85 -27.95 -32.73
CA HIS D 85 -28.26 -28.20 -32.98
C HIS D 85 -28.72 -29.58 -32.47
N GLU D 86 -27.88 -30.59 -32.56
CA GLU D 86 -28.22 -31.99 -32.20
C GLU D 86 -28.32 -32.25 -30.70
N ASN D 87 -27.57 -31.47 -29.93
CA ASN D 87 -27.38 -31.68 -28.51
C ASN D 87 -28.10 -30.58 -27.76
N ASN D 88 -29.15 -30.95 -27.03
CA ASN D 88 -30.01 -29.99 -26.35
C ASN D 88 -29.28 -29.06 -25.35
N PHE D 89 -28.36 -29.64 -24.56
CA PHE D 89 -27.61 -28.84 -23.59
C PHE D 89 -26.79 -27.73 -24.27
N ALA D 90 -26.25 -28.02 -25.47
CA ALA D 90 -25.50 -27.04 -26.25
C ALA D 90 -26.45 -26.01 -26.87
N TYR D 91 -27.50 -26.49 -27.51
CA TYR D 91 -28.50 -25.61 -28.07
C TYR D 91 -29.05 -24.64 -27.03
N THR D 92 -29.44 -25.15 -25.86
CA THR D 92 -30.08 -24.27 -24.88
C THR D 92 -29.08 -23.29 -24.28
N PHE D 93 -27.82 -23.69 -24.19
CA PHE D 93 -26.77 -22.77 -23.74
C PHE D 93 -26.58 -21.62 -24.70
N LYS D 94 -26.73 -21.90 -26.00
CA LYS D 94 -26.55 -20.89 -27.03
C LYS D 94 -27.77 -20.00 -27.21
N ASN D 95 -28.94 -20.50 -26.81
CA ASN D 95 -30.21 -19.78 -27.01
C ASN D 95 -30.97 -19.36 -25.73
N SER D 96 -30.46 -19.73 -24.56
CA SER D 96 -31.12 -19.36 -23.32
C SER D 96 -30.15 -18.55 -22.47
N LYS D 97 -30.71 -17.77 -21.55
CA LYS D 97 -29.90 -16.92 -20.68
C LYS D 97 -29.17 -17.77 -19.65
N TYR D 98 -27.94 -17.36 -19.34
CA TYR D 98 -27.17 -17.96 -18.25
C TYR D 98 -27.20 -17.01 -17.05
N HIS D 99 -27.62 -17.52 -15.90
CA HIS D 99 -27.89 -16.71 -14.72
C HIS D 99 -26.67 -16.56 -13.83
N LEU D 100 -26.46 -15.34 -13.35
CA LEU D 100 -25.38 -15.04 -12.39
C LEU D 100 -25.92 -14.15 -11.27
N SER D 101 -25.28 -14.17 -10.11
CA SER D 101 -25.61 -13.21 -9.05
C SER D 101 -24.37 -12.44 -8.62
N MET D 102 -24.52 -11.13 -8.47
CA MET D 102 -23.39 -10.30 -8.04
C MET D 102 -23.83 -9.27 -7.05
N GLY D 103 -22.92 -8.92 -6.14
CA GLY D 103 -23.06 -7.71 -5.36
C GLY D 103 -22.97 -6.50 -6.28
N ARG D 104 -23.73 -5.47 -5.94
CA ARG D 104 -23.74 -4.19 -6.64
C ARG D 104 -22.32 -3.60 -6.84
N TYR D 105 -21.46 -3.76 -5.86
CA TYR D 105 -20.13 -3.17 -5.89
C TYR D 105 -19.24 -3.88 -6.89
N ALA D 106 -19.32 -5.21 -6.89
CA ALA D 106 -18.62 -6.02 -7.86
C ALA D 106 -19.11 -5.67 -9.26
N PHE D 107 -20.41 -5.50 -9.39
CA PHE D 107 -21.06 -5.28 -10.68
C PHE D 107 -20.56 -4.00 -11.34
N ASP D 108 -20.53 -2.91 -10.57
CA ASP D 108 -19.97 -1.61 -11.03
C ASP D 108 -18.49 -1.69 -11.41
N LEU D 109 -17.69 -2.36 -10.61
CA LEU D 109 -16.31 -2.65 -10.99
C LEU D 109 -16.29 -3.28 -12.39
N LEU D 110 -17.06 -4.36 -12.55
CA LEU D 110 -17.05 -5.15 -13.78
C LEU D 110 -17.37 -4.30 -14.99
N ILE D 111 -18.53 -3.66 -14.96
CA ILE D 111 -18.98 -2.85 -16.07
C ILE D 111 -18.01 -1.71 -16.31
N ASN D 112 -17.60 -1.03 -15.25
CA ASN D 112 -16.64 0.08 -15.40
C ASN D 112 -15.45 -0.42 -16.20
N PHE D 113 -14.86 -1.53 -15.77
CA PHE D 113 -13.68 -2.08 -16.42
C PHE D 113 -13.95 -2.48 -17.87
N LEU D 114 -15.09 -3.09 -18.12
CA LEU D 114 -15.45 -3.50 -19.48
C LEU D 114 -15.63 -2.29 -20.40
N GLU D 115 -16.22 -1.23 -19.88
CA GLU D 115 -16.41 0.01 -20.66
C GLU D 115 -15.13 0.83 -20.85
N GLU D 116 -14.25 0.82 -19.86
CA GLU D 116 -12.97 1.51 -19.96
C GLU D 116 -12.10 0.89 -21.04
N ARG D 117 -12.04 -0.44 -21.02
CA ARG D 117 -11.22 -1.21 -21.95
C ARG D 117 -11.93 -1.53 -23.25
N ASN D 118 -13.05 -0.86 -23.52
CA ASN D 118 -13.79 -1.02 -24.77
C ASN D 118 -13.96 -2.49 -25.17
N LEU D 119 -14.27 -3.34 -24.20
CA LEU D 119 -14.49 -4.76 -24.49
C LEU D 119 -15.94 -4.94 -24.93
N THR D 120 -16.24 -4.49 -26.14
CA THR D 120 -17.60 -4.45 -26.65
C THR D 120 -18.19 -5.85 -26.84
N TYR D 121 -17.34 -6.82 -27.18
CA TYR D 121 -17.83 -8.15 -27.40
C TYR D 121 -18.35 -8.75 -26.10
N ILE D 122 -17.60 -8.60 -25.00
CA ILE D 122 -18.05 -9.09 -23.71
C ILE D 122 -19.32 -8.35 -23.27
N LEU D 123 -19.40 -7.04 -23.53
CA LEU D 123 -20.63 -6.30 -23.23
C LEU D 123 -21.84 -6.78 -24.04
N LYS D 124 -21.59 -7.34 -25.21
CA LYS D 124 -22.65 -7.89 -26.05
C LYS D 124 -23.20 -9.15 -25.39
N ILE D 125 -22.28 -9.98 -24.94
CA ILE D 125 -22.61 -11.24 -24.32
C ILE D 125 -23.40 -11.05 -23.01
N LEU D 126 -23.01 -10.11 -22.16
CA LEU D 126 -23.81 -9.82 -20.96
C LEU D 126 -25.24 -9.48 -21.40
N ASN D 127 -25.38 -8.44 -22.23
CA ASN D 127 -26.68 -7.97 -22.64
C ASN D 127 -27.54 -8.95 -23.41
N GLN D 128 -26.95 -9.71 -24.32
CA GLN D 128 -27.68 -10.70 -25.09
C GLN D 128 -27.85 -12.06 -24.40
N HIS D 129 -26.89 -12.49 -23.58
CA HIS D 129 -26.94 -13.87 -23.05
C HIS D 129 -26.74 -14.03 -21.55
N LEU D 130 -26.61 -12.95 -20.79
CA LEU D 130 -26.44 -13.11 -19.35
C LEU D 130 -27.58 -12.43 -18.61
N ASP D 131 -28.00 -13.11 -17.56
CA ASP D 131 -29.06 -12.65 -16.71
C ASP D 131 -28.45 -12.55 -15.32
N ILE D 132 -28.06 -11.34 -14.95
CA ILE D 132 -27.34 -11.06 -13.72
C ILE D 132 -28.25 -10.47 -12.65
N LYS D 133 -28.36 -11.16 -11.53
CA LYS D 133 -29.10 -10.63 -10.40
C LYS D 133 -28.15 -9.74 -9.63
N VAL D 134 -28.38 -8.44 -9.70
CA VAL D 134 -27.56 -7.50 -8.96
C VAL D 134 -28.21 -7.24 -7.60
N TYR D 135 -27.49 -7.61 -6.54
CA TYR D 135 -27.97 -7.42 -5.18
C TYR D 135 -27.58 -6.06 -4.62
N VAL D 136 -28.59 -5.34 -4.12
CA VAL D 136 -28.38 -3.98 -3.61
C VAL D 136 -28.47 -3.94 -2.08
N GLY D 137 -27.46 -3.37 -1.45
CA GLY D 137 -27.38 -3.27 0.00
C GLY D 137 -26.02 -3.75 0.46
N GLN E 7 -17.80 -15.31 17.15
CA GLN E 7 -17.12 -14.05 17.60
C GLN E 7 -16.35 -14.30 18.90
N MET E 8 -15.32 -13.48 19.11
CA MET E 8 -14.61 -13.49 20.37
C MET E 8 -15.59 -13.33 21.53
N GLU E 9 -16.49 -12.36 21.44
CA GLU E 9 -17.53 -12.19 22.44
C GLU E 9 -18.44 -13.40 22.59
N THR E 10 -18.87 -13.98 21.47
CA THR E 10 -19.74 -15.14 21.50
C THR E 10 -19.05 -16.29 22.20
N SER E 11 -17.77 -16.50 21.92
CA SER E 11 -17.01 -17.56 22.55
C SER E 11 -16.81 -17.27 24.04
N TYR E 12 -16.56 -16.00 24.40
CA TYR E 12 -16.45 -15.63 25.80
C TYR E 12 -17.73 -16.04 26.54
N VAL E 13 -18.88 -15.68 25.98
CA VAL E 13 -20.19 -15.97 26.60
C VAL E 13 -20.43 -17.47 26.71
N SER E 14 -20.03 -18.22 25.67
CA SER E 14 -20.15 -19.68 25.66
C SER E 14 -19.30 -20.34 26.75
N LEU E 15 -18.07 -19.87 26.93
CA LEU E 15 -17.20 -20.39 27.99
C LEU E 15 -17.78 -20.08 29.36
N LYS E 16 -18.16 -18.81 29.54
CA LYS E 16 -18.78 -18.30 30.77
C LYS E 16 -20.01 -19.13 31.16
N THR E 17 -20.85 -19.42 30.18
CA THR E 17 -22.06 -20.16 30.44
C THR E 17 -21.71 -21.56 30.88
N TRP E 18 -20.84 -22.21 30.13
CA TRP E 18 -20.38 -23.53 30.47
C TRP E 18 -19.72 -23.53 31.84
N ILE E 19 -18.84 -22.56 32.10
CA ILE E 19 -18.19 -22.46 33.43
C ILE E 19 -19.20 -22.29 34.55
N GLU E 20 -20.26 -21.53 34.33
CA GLU E 20 -21.28 -21.30 35.36
C GLU E 20 -22.14 -22.56 35.58
N ASP E 21 -22.19 -23.44 34.58
CA ASP E 21 -22.98 -24.65 34.67
C ASP E 21 -22.19 -25.86 35.19
N SER E 22 -20.92 -25.67 35.54
CA SER E 22 -20.09 -26.77 35.99
C SER E 22 -20.22 -26.98 37.50
N LEU E 23 -19.58 -28.02 38.01
CA LEU E 23 -19.58 -28.31 39.43
C LEU E 23 -18.70 -27.28 40.15
N ASP E 24 -19.15 -26.81 41.32
CA ASP E 24 -18.41 -25.77 42.06
C ASP E 24 -16.94 -26.15 42.25
N LEU E 25 -16.69 -27.44 42.51
CA LEU E 25 -15.34 -27.94 42.70
C LEU E 25 -14.41 -27.52 41.56
N PHE E 26 -14.94 -27.46 40.35
CA PHE E 26 -14.13 -27.15 39.18
C PHE E 26 -14.23 -25.67 38.77
N LYS E 27 -15.41 -25.09 39.00
CA LYS E 27 -15.69 -23.70 38.66
C LYS E 27 -14.68 -22.79 39.31
N ASN E 28 -14.32 -23.14 40.55
CA ASN E 28 -13.36 -22.36 41.32
C ASN E 28 -12.09 -22.12 40.55
N ASP E 29 -11.63 -23.16 39.87
CA ASP E 29 -10.40 -23.13 39.08
C ASP E 29 -10.64 -22.60 37.67
N LEU E 30 -11.88 -22.68 37.19
CA LEU E 30 -12.21 -22.31 35.82
C LEU E 30 -12.52 -20.82 35.61
N LEU E 31 -13.14 -20.19 36.63
CA LEU E 31 -13.56 -18.79 36.54
C LEU E 31 -12.38 -17.82 36.33
N PRO E 32 -11.26 -18.03 37.01
CA PRO E 32 -10.16 -17.08 36.81
C PRO E 32 -9.60 -16.98 35.39
N LEU E 33 -9.93 -17.93 34.52
CA LEU E 33 -9.49 -17.88 33.13
C LEU E 33 -10.18 -16.74 32.38
N LEU E 34 -11.41 -16.46 32.78
CA LEU E 34 -12.21 -15.41 32.15
C LEU E 34 -11.59 -14.00 32.18
N TYR E 35 -10.88 -13.67 33.25
CA TYR E 35 -10.30 -12.32 33.35
C TYR E 35 -9.32 -12.00 32.22
N PRO E 36 -8.24 -12.79 32.08
CA PRO E 36 -7.31 -12.54 30.98
C PRO E 36 -7.95 -12.72 29.60
N LEU E 37 -8.88 -13.66 29.48
CA LEU E 37 -9.62 -13.81 28.24
C LEU E 37 -10.36 -12.52 27.90
N PHE E 38 -11.04 -11.99 28.90
CA PHE E 38 -11.78 -10.72 28.82
C PHE E 38 -10.90 -9.54 28.37
N ILE E 39 -9.69 -9.44 28.93
CA ILE E 39 -8.75 -8.37 28.58
C ILE E 39 -8.21 -8.51 27.14
N HIS E 40 -7.86 -9.72 26.75
CA HIS E 40 -7.38 -9.96 25.39
C HIS E 40 -8.45 -9.68 24.35
N ILE E 41 -9.71 -10.01 24.64
CA ILE E 41 -10.78 -9.78 23.66
C ILE E 41 -10.98 -8.29 23.51
N TYR E 42 -10.91 -7.61 24.64
CA TYR E 42 -11.03 -6.18 24.68
C TYR E 42 -9.96 -5.55 23.78
N PHE E 43 -8.69 -5.86 24.04
CA PHE E 43 -7.59 -5.28 23.27
C PHE E 43 -7.71 -5.65 21.79
N ASP E 44 -8.19 -6.86 21.51
CA ASP E 44 -8.37 -7.29 20.13
C ASP E 44 -9.47 -6.54 19.39
N LEU E 45 -10.61 -6.29 20.04
CA LEU E 45 -11.68 -5.49 19.41
C LEU E 45 -11.18 -4.07 19.09
N ILE E 46 -10.45 -3.49 20.05
CA ILE E 46 -9.80 -2.21 19.85
C ILE E 46 -8.84 -2.29 18.67
N GLN E 47 -8.03 -3.33 18.64
CA GLN E 47 -7.06 -3.50 17.58
C GLN E 47 -7.71 -3.63 16.19
N GLN E 48 -8.93 -4.19 16.15
CA GLN E 48 -9.69 -4.35 14.91
C GLN E 48 -10.56 -3.12 14.61
N ASN E 49 -10.27 -2.02 15.31
CA ASN E 49 -10.98 -0.75 15.16
C ASN E 49 -12.50 -0.82 15.41
N LYS E 50 -12.90 -1.68 16.34
CA LYS E 50 -14.27 -1.75 16.81
C LYS E 50 -14.30 -1.23 18.25
N THR E 51 -14.09 0.08 18.42
CA THR E 51 -13.99 0.67 19.74
C THR E 51 -15.30 0.58 20.52
N ASP E 52 -16.42 0.86 19.86
CA ASP E 52 -17.73 0.83 20.54
C ASP E 52 -18.05 -0.58 21.03
N GLU E 53 -17.72 -1.58 20.24
CA GLU E 53 -18.03 -2.96 20.61
C GLU E 53 -17.16 -3.37 21.82
N ALA E 54 -15.94 -2.86 21.83
CA ALA E 54 -14.99 -3.05 22.89
C ALA E 54 -15.49 -2.45 24.19
N LYS E 55 -16.04 -1.23 24.10
CA LYS E 55 -16.49 -0.58 25.33
C LYS E 55 -17.74 -1.26 25.87
N GLU E 56 -18.62 -1.66 24.97
CA GLU E 56 -19.82 -2.38 25.36
C GLU E 56 -19.47 -3.70 26.07
N PHE E 57 -18.53 -4.44 25.52
CA PHE E 57 -18.03 -5.66 26.15
C PHE E 57 -17.41 -5.37 27.54
N PHE E 58 -16.51 -4.40 27.60
CA PHE E 58 -15.82 -4.06 28.85
C PHE E 58 -16.79 -3.76 30.00
N GLU E 59 -17.70 -2.81 29.78
CA GLU E 59 -18.67 -2.43 30.82
C GLU E 59 -19.60 -3.59 31.13
N LYS E 60 -19.81 -4.47 30.15
CA LYS E 60 -20.82 -5.50 30.26
C LYS E 60 -20.36 -6.66 31.16
N TYR E 61 -19.07 -6.97 31.11
CA TYR E 61 -18.54 -8.12 31.84
C TYR E 61 -17.42 -7.79 32.84
N ARG E 62 -17.15 -6.51 33.08
CA ARG E 62 -16.09 -6.14 34.04
C ARG E 62 -16.40 -6.64 35.44
N GLY E 63 -17.68 -6.75 35.77
CA GLY E 63 -18.11 -7.10 37.13
C GLY E 63 -17.79 -8.53 37.50
N ASP E 64 -17.61 -9.37 36.50
CA ASP E 64 -17.25 -10.77 36.72
C ASP E 64 -15.88 -10.93 37.41
N HIS E 65 -15.06 -9.90 37.35
CA HIS E 65 -13.70 -9.96 37.84
C HIS E 65 -13.48 -8.98 39.02
N TYR E 66 -14.39 -9.00 39.97
CA TYR E 66 -14.33 -8.09 41.11
C TYR E 66 -12.96 -8.11 41.79
N ASN E 67 -12.33 -9.29 41.83
CA ASN E 67 -11.01 -9.45 42.42
C ASN E 67 -9.91 -8.64 41.75
N LYS E 68 -10.16 -8.16 40.53
CA LYS E 68 -9.16 -7.42 39.75
C LYS E 68 -9.63 -5.98 39.46
N SER E 69 -10.47 -5.44 40.32
CA SER E 69 -11.00 -4.09 40.14
C SER E 69 -9.92 -3.03 40.04
N GLU E 70 -8.86 -3.15 40.84
CA GLU E 70 -7.79 -2.17 40.79
C GLU E 70 -7.18 -2.14 39.39
N GLU E 71 -6.99 -3.32 38.80
CA GLU E 71 -6.35 -3.44 37.50
C GLU E 71 -7.32 -3.10 36.36
N ILE E 72 -8.55 -3.60 36.46
CA ILE E 72 -9.56 -3.28 35.48
C ILE E 72 -9.73 -1.75 35.40
N LYS E 73 -9.55 -1.07 36.52
CA LYS E 73 -9.63 0.39 36.58
C LYS E 73 -8.52 1.07 35.80
N GLN E 74 -7.37 0.41 35.70
CA GLN E 74 -6.28 0.89 34.88
C GLN E 74 -6.59 0.77 33.40
N PHE E 75 -7.32 -0.28 33.01
CA PHE E 75 -7.69 -0.50 31.60
C PHE E 75 -8.92 0.26 31.12
N GLU E 76 -9.77 0.69 32.03
CA GLU E 76 -11.08 1.24 31.66
C GLU E 76 -11.00 2.45 30.71
N SER E 77 -9.86 3.14 30.73
CA SER E 77 -9.65 4.35 29.95
C SER E 77 -9.03 4.11 28.56
N ILE E 78 -8.69 2.87 28.21
CA ILE E 78 -8.09 2.58 26.91
C ILE E 78 -9.15 2.40 25.81
N TYR E 79 -9.04 3.19 24.74
CA TYR E 79 -10.07 3.25 23.68
C TYR E 79 -9.53 3.01 22.26
N THR E 80 -8.25 3.32 22.06
CA THR E 80 -7.67 3.23 20.73
C THR E 80 -6.39 2.44 20.84
N VAL E 81 -5.88 2.03 19.69
CA VAL E 81 -4.64 1.30 19.63
C VAL E 81 -3.53 2.21 20.18
N GLN E 82 -3.71 3.52 20.02
CA GLN E 82 -2.76 4.50 20.53
C GLN E 82 -2.78 4.51 22.07
N HIS E 83 -3.97 4.53 22.66
CA HIS E 83 -4.09 4.42 24.12
C HIS E 83 -3.41 3.18 24.65
N ILE E 84 -3.47 2.08 23.90
CA ILE E 84 -2.73 0.86 24.28
C ILE E 84 -1.22 1.09 24.25
N HIS E 85 -0.70 1.75 23.23
CA HIS E 85 0.73 2.04 23.15
C HIS E 85 1.22 3.01 24.24
N GLU E 86 0.44 4.05 24.49
CA GLU E 86 0.77 5.04 25.51
C GLU E 86 0.83 4.43 26.92
N ASN E 87 -0.06 3.48 27.18
CA ASN E 87 -0.28 2.94 28.53
C ASN E 87 0.54 1.66 28.77
N ASN E 88 1.46 1.72 29.72
CA ASN E 88 2.40 0.62 29.93
C ASN E 88 1.78 -0.66 30.51
N PHE E 89 0.75 -0.52 31.35
CA PHE E 89 0.07 -1.68 31.95
C PHE E 89 -0.56 -2.56 30.87
N ALA E 90 -0.97 -1.92 29.78
CA ALA E 90 -1.56 -2.61 28.65
C ALA E 90 -0.48 -3.29 27.85
N TYR E 91 0.66 -2.61 27.69
CA TYR E 91 1.78 -3.15 26.91
C TYR E 91 2.34 -4.41 27.52
N THR E 92 2.71 -4.38 28.80
CA THR E 92 3.30 -5.55 29.43
C THR E 92 2.30 -6.70 29.55
N PHE E 93 1.00 -6.38 29.61
CA PHE E 93 -0.04 -7.41 29.61
C PHE E 93 -0.17 -8.07 28.23
N LYS E 94 -0.16 -7.25 27.18
CA LYS E 94 -0.42 -7.75 25.85
C LYS E 94 0.69 -8.68 25.43
N ASN E 95 1.90 -8.40 25.92
CA ASN E 95 3.09 -9.13 25.55
C ASN E 95 3.39 -10.35 26.41
N SER E 96 3.36 -10.15 27.72
CA SER E 96 3.87 -11.14 28.67
C SER E 96 2.80 -12.20 28.95
N LYS E 97 3.12 -13.14 29.82
CA LYS E 97 2.20 -14.24 30.15
C LYS E 97 1.30 -13.96 31.35
N TYR E 98 0.06 -14.43 31.29
CA TYR E 98 -0.82 -14.39 32.45
C TYR E 98 -0.88 -15.78 33.11
N HIS E 99 -0.61 -15.83 34.40
CA HIS E 99 -0.46 -17.09 35.14
C HIS E 99 -1.74 -17.51 35.86
N LEU E 100 -2.11 -18.77 35.65
CA LEU E 100 -3.31 -19.34 36.28
C LEU E 100 -2.97 -20.63 36.98
N SER E 101 -3.88 -21.06 37.85
CA SER E 101 -3.70 -22.33 38.55
C SER E 101 -5.01 -23.13 38.51
N MET E 102 -4.94 -24.39 38.14
CA MET E 102 -6.13 -25.21 38.17
C MET E 102 -5.78 -26.68 38.38
N GLY E 103 -6.73 -27.42 38.96
CA GLY E 103 -6.59 -28.85 39.12
C GLY E 103 -6.69 -29.56 37.79
N ARG E 104 -5.89 -30.61 37.64
CA ARG E 104 -5.87 -31.46 36.44
C ARG E 104 -7.25 -31.82 35.89
N TYR E 105 -8.18 -32.14 36.77
CA TYR E 105 -9.49 -32.54 36.29
C TYR E 105 -10.24 -31.35 35.66
N ALA E 106 -10.19 -30.20 36.31
CA ALA E 106 -10.77 -29.01 35.76
C ALA E 106 -10.15 -28.73 34.40
N PHE E 107 -8.82 -28.81 34.34
CA PHE E 107 -8.05 -28.57 33.12
C PHE E 107 -8.50 -29.48 31.98
N ASP E 108 -8.61 -30.76 32.26
CA ASP E 108 -9.14 -31.74 31.30
C ASP E 108 -10.57 -31.38 30.85
N LEU E 109 -11.45 -31.08 31.80
CA LEU E 109 -12.77 -30.62 31.43
C LEU E 109 -12.69 -29.44 30.45
N LEU E 110 -11.96 -28.40 30.84
CA LEU E 110 -11.80 -27.22 30.02
C LEU E 110 -11.38 -27.53 28.58
N ILE E 111 -10.18 -28.09 28.40
CA ILE E 111 -9.59 -28.32 27.07
C ILE E 111 -10.51 -29.14 26.19
N ASN E 112 -11.11 -30.16 26.78
CA ASN E 112 -12.12 -30.96 26.10
C ASN E 112 -13.25 -30.14 25.54
N PHE E 113 -13.83 -29.30 26.39
CA PHE E 113 -14.93 -28.41 26.00
C PHE E 113 -14.51 -27.46 24.88
N LEU E 114 -13.36 -26.81 25.06
CA LEU E 114 -12.86 -25.86 24.07
C LEU E 114 -12.59 -26.50 22.72
N GLU E 115 -12.22 -27.78 22.72
CA GLU E 115 -11.89 -28.52 21.49
C GLU E 115 -13.15 -29.03 20.81
N GLU E 116 -14.05 -29.62 21.59
CA GLU E 116 -15.32 -30.15 21.07
C GLU E 116 -16.19 -29.05 20.48
N ARG E 117 -16.28 -27.91 21.17
CA ARG E 117 -17.00 -26.75 20.66
C ARG E 117 -16.12 -25.95 19.66
N ASN E 118 -14.89 -26.40 19.49
CA ASN E 118 -13.99 -25.86 18.47
C ASN E 118 -13.87 -24.35 18.56
N LEU E 119 -13.44 -23.88 19.73
CA LEU E 119 -13.27 -22.47 19.99
C LEU E 119 -11.80 -22.10 19.78
N THR E 120 -11.39 -21.99 18.52
CA THR E 120 -9.98 -21.82 18.19
C THR E 120 -9.37 -20.48 18.69
N TYR E 121 -10.19 -19.46 18.94
CA TYR E 121 -9.68 -18.21 19.51
C TYR E 121 -9.25 -18.37 20.98
N ILE E 122 -10.11 -19.00 21.80
CA ILE E 122 -9.76 -19.19 23.21
C ILE E 122 -8.55 -20.12 23.33
N LEU E 123 -8.47 -21.11 22.45
CA LEU E 123 -7.32 -22.03 22.44
C LEU E 123 -5.98 -21.33 22.17
N LYS E 124 -5.96 -20.40 21.22
CA LYS E 124 -4.73 -19.72 20.87
C LYS E 124 -4.28 -18.75 21.97
N ILE E 125 -5.25 -18.06 22.58
CA ILE E 125 -4.98 -17.21 23.75
C ILE E 125 -4.30 -18.05 24.83
N LEU E 126 -4.90 -19.21 25.11
CA LEU E 126 -4.35 -20.17 26.07
C LEU E 126 -2.90 -20.56 25.77
N ASN E 127 -2.64 -20.94 24.52
CA ASN E 127 -1.30 -21.40 24.15
C ASN E 127 -0.29 -20.27 24.10
N GLN E 128 -0.76 -19.10 23.66
CA GLN E 128 0.12 -17.97 23.44
C GLN E 128 0.39 -17.19 24.72
N HIS E 129 -0.68 -16.88 25.46
CA HIS E 129 -0.63 -15.83 26.47
C HIS E 129 -0.92 -16.33 27.88
N LEU E 130 -1.11 -17.64 28.05
CA LEU E 130 -1.38 -18.18 29.37
C LEU E 130 -0.38 -19.27 29.80
N ASP E 131 0.25 -19.08 30.96
CA ASP E 131 1.02 -20.13 31.64
C ASP E 131 0.09 -20.68 32.73
N ILE E 132 -0.39 -21.92 32.52
CA ILE E 132 -1.27 -22.59 33.48
C ILE E 132 -0.53 -23.69 34.22
N LYS E 133 -0.42 -23.55 35.53
CA LYS E 133 0.19 -24.58 36.36
C LYS E 133 -0.91 -25.59 36.72
N VAL E 134 -0.74 -26.84 36.30
CA VAL E 134 -1.74 -27.87 36.61
C VAL E 134 -1.34 -28.71 37.84
N TYR E 135 -2.16 -28.65 38.88
CA TYR E 135 -1.94 -29.47 40.10
C TYR E 135 -2.38 -30.90 39.88
N VAL E 136 -1.53 -31.80 40.32
CA VAL E 136 -1.72 -33.24 40.12
C VAL E 136 -1.70 -33.98 41.46
#